data_6EAB
#
_entry.id   6EAB
#
_cell.length_a   75.030
_cell.length_b   109.101
_cell.length_c   118.240
_cell.angle_alpha   90.000
_cell.angle_beta   90.000
_cell.angle_gamma   90.000
#
_symmetry.space_group_name_H-M   'P 21 21 21'
#
loop_
_entity.id
_entity.type
_entity.pdbx_description
1 polymer 'M1 family aminopeptidase'
2 non-polymer 'ZINC ION'
3 non-polymer "N-[(1R)-2-(hydroxyamino)-2-oxo-1-(3',4',5'-trifluoro[1,1'-biphenyl]-4-yl)ethyl]oxane-4-carboxamide"
4 non-polymer GLYCEROL
5 non-polymer 'MAGNESIUM ION'
6 non-polymer 'PHOSPHATE ION'
7 water water
#
_entity_poly.entity_id   1
_entity_poly.type   'polypeptide(L)'
_entity_poly.pdbx_seq_one_letter_code
;PKIHYRKDYKPSGFIINQVTLNINIHDQETIVRSVLDMDISKHNVGEDLVFDGVGLKINEISINNKKLVEGEEYTYDNEF
LTIFSKFVPKSKFAFSSEVIIHPETNYALTGLYKSKNIIVSQCEATGFRRITFFIDRPDMMAKYDVTVTADKEKYPVLLS
NGDKVNEFEIPGGRHGARFNDPPLKPCYLFAVVAGDLKHLSATYITKYTKKKVELYVFSEEKYVSKLQWALECLKKSMAF
DEDYFGLEYDLSRLNLVAVSDFNVGAMENKGLNIFNANSLLASKKNSIDFSYARILTVVGHEYFHQYTGNRVTLRDWFQL
TLKEGLTVHRENLFSEEMTKTVTTRLSHVDLLRSVQFLEDSSPLSHPIRPESYVSMENFYTTTVYDKGSEVMRMYLTILG
EEYYKKGFDIYIKKNDGNTATCEDFNYAMEQAYKMKKADNSANLNQYLLWFSQSGTPHVSFKYNYDAEKKQYSIHVNQYT
KPDENQKEKKPLFIPISVGLINPENGKEMISQTTLELTKESDTFVFNNIAVKPIPSLFRGFSAPVYIEDQLTDEERILLL
KYDSDAFVRYNSCTNIYMKQILMNYNEFLKAKNEKLESFQLTPVNAQFIDAIKYLLEDPHADAGFKSYIVSLPQDRYIIN
FVSNLDTDVLADTKEYIYKQIGDKLNDVYYKMFKSLEAKADDLTYFNDESHVDFDQMNMRTLRNTLLSLLSKAQYPNILN
EIIEHSKSPYPSNWLTSLSVSAYFDKYFELYDKTYKLSKDDELLLQEWLKTVSRSDRKDIYEILKKLENEVLKDSKNPND
IRAVYLPFTNNLRRFHDISGKGYKLIAEVITKTDKFNPMVATQLCEPFKLWNKLDTKRQELMLNEMNTMLQEPQISNNLK
EYLLRLTNK
;
_entity_poly.pdbx_strand_id   A
#
# COMPACT_ATOMS: atom_id res chain seq x y z
N PRO A 1 -23.06 -11.37 14.62
CA PRO A 1 -21.79 -10.76 14.20
C PRO A 1 -20.58 -11.68 14.48
N LYS A 2 -20.28 -12.63 13.60
CA LYS A 2 -19.33 -13.68 13.97
C LYS A 2 -17.88 -13.19 14.02
N ILE A 3 -17.21 -13.49 15.13
CA ILE A 3 -15.80 -13.13 15.28
C ILE A 3 -14.97 -14.39 15.07
N HIS A 4 -13.98 -14.30 14.19
CA HIS A 4 -13.09 -15.43 14.00
C HIS A 4 -11.82 -15.21 14.83
N TYR A 5 -11.39 -16.25 15.54
CA TYR A 5 -10.22 -16.19 16.42
C TYR A 5 -9.05 -17.04 15.88
N ARG A 6 -7.85 -16.46 15.89
CA ARG A 6 -6.68 -17.16 15.38
C ARG A 6 -6.41 -18.45 16.11
N LYS A 7 -6.63 -18.45 17.43
CA LYS A 7 -6.35 -19.63 18.24
C LYS A 7 -7.27 -20.81 17.90
N ASP A 8 -8.34 -20.51 17.19
CA ASP A 8 -9.39 -21.49 16.92
C ASP A 8 -9.18 -22.32 15.63
N TYR A 9 -8.09 -22.07 14.90
CA TYR A 9 -7.84 -22.78 13.65
C TYR A 9 -7.95 -24.29 13.79
N LYS A 10 -8.75 -24.91 12.92
CA LYS A 10 -8.86 -26.36 12.89
C LYS A 10 -9.04 -26.78 11.44
N PRO A 11 -8.34 -27.83 11.02
CA PRO A 11 -8.55 -28.30 9.64
C PRO A 11 -9.98 -28.73 9.37
N SER A 12 -10.43 -28.62 8.11
CA SER A 12 -11.78 -29.02 7.69
C SER A 12 -12.03 -30.52 7.86
N GLY A 13 -13.27 -30.90 8.13
CA GLY A 13 -13.69 -32.30 8.07
C GLY A 13 -13.85 -32.82 6.63
N PHE A 14 -13.61 -31.94 5.66
CA PHE A 14 -13.82 -32.32 4.25
C PHE A 14 -12.61 -31.99 3.42
N ILE A 15 -12.58 -32.61 2.24
CA ILE A 15 -11.56 -32.34 1.23
C ILE A 15 -12.21 -32.08 -0.13
N ILE A 16 -11.74 -31.05 -0.84
CA ILE A 16 -12.14 -30.82 -2.22
C ILE A 16 -10.91 -31.06 -3.11
N ASN A 17 -10.99 -32.11 -3.92
CA ASN A 17 -9.87 -32.50 -4.74
C ASN A 17 -9.91 -31.91 -6.14
N GLN A 18 -11.10 -31.85 -6.72
CA GLN A 18 -11.24 -31.34 -8.08
C GLN A 18 -12.44 -30.40 -8.16
N VAL A 19 -12.25 -29.29 -8.87
CA VAL A 19 -13.32 -28.36 -9.18
C VAL A 19 -13.50 -28.38 -10.68
N THR A 20 -14.71 -28.66 -11.14
CA THR A 20 -14.99 -28.52 -12.57
C THR A 20 -16.10 -27.50 -12.77
N LEU A 21 -15.74 -26.36 -13.37
CA LEU A 21 -16.67 -25.26 -13.57
C LEU A 21 -17.09 -25.03 -15.02
N ASN A 22 -18.36 -24.67 -15.20
CA ASN A 22 -18.85 -24.12 -16.45
C ASN A 22 -19.50 -22.78 -16.11
N ILE A 23 -18.90 -21.70 -16.60
CA ILE A 23 -19.42 -20.34 -16.39
C ILE A 23 -19.99 -19.81 -17.72
N ASN A 24 -21.31 -19.68 -17.77
CA ASN A 24 -22.00 -19.29 -18.99
C ASN A 24 -22.56 -17.89 -18.83
N ILE A 25 -21.90 -16.95 -19.48
CA ILE A 25 -22.25 -15.55 -19.36
C ILE A 25 -23.34 -15.18 -20.34
N HIS A 26 -24.46 -14.67 -19.84
CA HIS A 26 -25.52 -14.21 -20.74
C HIS A 26 -25.82 -12.74 -20.49
N ASP A 27 -26.71 -12.18 -21.29
CA ASP A 27 -27.01 -10.75 -21.23
C ASP A 27 -27.46 -10.30 -19.83
N GLN A 28 -28.39 -11.05 -19.23
CA GLN A 28 -28.97 -10.56 -17.98
C GLN A 28 -28.60 -11.38 -16.76
N GLU A 29 -27.82 -12.44 -16.97
CA GLU A 29 -27.46 -13.33 -15.85
C GLU A 29 -26.26 -14.19 -16.26
N THR A 30 -25.58 -14.72 -15.26
CA THR A 30 -24.50 -15.67 -15.52
C THR A 30 -24.85 -16.92 -14.76
N ILE A 31 -24.83 -18.05 -15.48
CA ILE A 31 -25.16 -19.35 -14.91
C ILE A 31 -23.88 -20.10 -14.61
N VAL A 32 -23.75 -20.58 -13.37
CA VAL A 32 -22.52 -21.24 -12.96
C VAL A 32 -22.85 -22.67 -12.54
N ARG A 33 -22.34 -23.63 -13.30
CA ARG A 33 -22.44 -25.04 -12.92
C ARG A 33 -21.08 -25.51 -12.38
N SER A 34 -21.12 -26.24 -11.28
CA SER A 34 -19.90 -26.69 -10.61
C SER A 34 -20.05 -28.11 -10.14
N VAL A 35 -19.04 -28.94 -10.42
CA VAL A 35 -18.94 -30.25 -9.80
C VAL A 35 -17.69 -30.27 -8.93
N LEU A 36 -17.89 -30.61 -7.67
CA LEU A 36 -16.79 -30.69 -6.70
C LEU A 36 -16.52 -32.15 -6.41
N ASP A 37 -15.30 -32.65 -6.67
CA ASP A 37 -15.01 -34.02 -6.31
C ASP A 37 -14.40 -34.02 -4.92
N MET A 38 -15.11 -34.62 -3.99
CA MET A 38 -14.83 -34.40 -2.57
C MET A 38 -14.53 -35.68 -1.82
N ASP A 39 -14.04 -35.51 -0.60
CA ASP A 39 -13.76 -36.63 0.26
C ASP A 39 -13.95 -36.19 1.70
N ILE A 40 -13.92 -37.17 2.57
CA ILE A 40 -14.03 -36.99 4.01
C ILE A 40 -12.62 -36.97 4.59
N SER A 41 -12.25 -35.95 5.37
CA SER A 41 -10.91 -35.89 5.94
C SER A 41 -10.78 -36.65 7.28
N LYS A 42 -9.54 -36.80 7.75
CA LYS A 42 -9.28 -37.56 9.00
C LYS A 42 -9.85 -36.81 10.20
N HIS A 43 -10.15 -35.54 10.00
CA HIS A 43 -10.66 -34.70 11.08
C HIS A 43 -12.17 -34.71 11.16
N ASN A 44 -12.83 -35.37 10.22
CA ASN A 44 -14.28 -35.39 10.15
C ASN A 44 -14.89 -36.09 11.38
N VAL A 45 -15.96 -35.52 11.94
CA VAL A 45 -16.66 -36.10 13.11
C VAL A 45 -18.15 -36.24 12.84
N GLY A 46 -18.49 -36.47 11.57
CA GLY A 46 -19.87 -36.63 11.16
C GLY A 46 -20.69 -35.37 11.12
N GLU A 47 -20.05 -34.22 10.91
CA GLU A 47 -20.74 -32.94 10.91
C GLU A 47 -21.56 -32.74 9.63
N ASP A 48 -22.48 -31.77 9.66
CA ASP A 48 -23.16 -31.31 8.46
C ASP A 48 -22.12 -30.79 7.47
N LEU A 49 -22.40 -30.99 6.18
CA LEU A 49 -21.58 -30.39 5.13
C LEU A 49 -22.06 -28.97 4.91
N VAL A 50 -21.23 -28.01 5.29
CA VAL A 50 -21.58 -26.60 5.16
C VAL A 50 -20.69 -25.88 4.15
N PHE A 51 -21.33 -25.36 3.10
CA PHE A 51 -20.63 -24.57 2.10
C PHE A 51 -20.89 -23.11 2.32
N ASP A 52 -19.86 -22.31 2.05
CA ASP A 52 -20.05 -20.89 1.85
C ASP A 52 -20.74 -20.65 0.52
N GLY A 53 -21.68 -19.70 0.50
CA GLY A 53 -22.30 -19.33 -0.75
C GLY A 53 -23.12 -18.08 -0.51
N VAL A 54 -22.67 -16.96 -1.06
CA VAL A 54 -23.29 -15.66 -0.73
C VAL A 54 -23.98 -15.08 -1.94
N GLY A 55 -25.28 -14.84 -1.81
CA GLY A 55 -26.03 -14.18 -2.85
C GLY A 55 -26.27 -15.06 -4.07
N LEU A 56 -26.24 -16.38 -3.90
CA LEU A 56 -26.38 -17.30 -5.03
C LEU A 56 -27.84 -17.67 -5.20
N LYS A 57 -28.31 -17.77 -6.45
CA LYS A 57 -29.69 -18.24 -6.68
C LYS A 57 -29.58 -19.69 -7.09
N ILE A 58 -30.11 -20.61 -6.27
CA ILE A 58 -30.01 -22.04 -6.57
C ILE A 58 -30.98 -22.49 -7.65
N ASN A 59 -30.45 -23.05 -8.73
CA ASN A 59 -31.29 -23.75 -9.71
C ASN A 59 -31.42 -25.21 -9.28
N GLU A 60 -30.29 -25.85 -9.01
CA GLU A 60 -30.36 -27.16 -8.39
C GLU A 60 -29.08 -27.52 -7.65
N ILE A 61 -29.19 -28.46 -6.70
CA ILE A 61 -27.99 -29.04 -6.14
C ILE A 61 -28.18 -30.56 -6.01
N SER A 62 -27.05 -31.27 -6.06
CA SER A 62 -27.06 -32.71 -6.20
C SER A 62 -25.84 -33.26 -5.50
N ILE A 63 -25.96 -34.50 -5.03
CA ILE A 63 -24.83 -35.26 -4.50
C ILE A 63 -24.81 -36.59 -5.25
N ASN A 64 -23.71 -36.92 -5.93
CA ASN A 64 -23.62 -38.14 -6.75
C ASN A 64 -24.77 -38.24 -7.76
N ASN A 65 -25.08 -37.09 -8.37
CA ASN A 65 -26.09 -36.97 -9.43
C ASN A 65 -27.50 -37.23 -8.98
N LYS A 66 -27.73 -37.17 -7.67
CA LYS A 66 -29.08 -37.23 -7.15
C LYS A 66 -29.48 -35.86 -6.62
N LYS A 67 -30.57 -35.31 -7.14
CA LYS A 67 -31.03 -33.97 -6.78
C LYS A 67 -31.40 -33.90 -5.29
N LEU A 68 -30.89 -32.90 -4.59
CA LEU A 68 -31.27 -32.67 -3.19
C LEU A 68 -32.47 -31.72 -3.13
N VAL A 69 -33.30 -31.89 -2.11
CA VAL A 69 -34.51 -31.11 -2.04
C VAL A 69 -34.47 -30.22 -0.81
N GLU A 70 -34.82 -28.95 -1.02
CA GLU A 70 -34.73 -27.93 0.03
C GLU A 70 -35.63 -28.23 1.24
N GLY A 71 -35.15 -27.96 2.44
CA GLY A 71 -35.95 -28.18 3.62
C GLY A 71 -35.65 -29.51 4.30
N GLU A 72 -35.79 -30.58 3.54
CA GLU A 72 -35.60 -31.94 4.04
C GLU A 72 -34.12 -32.34 4.12
N GLU A 73 -33.36 -31.96 3.10
CA GLU A 73 -31.98 -32.43 2.95
C GLU A 73 -30.95 -31.32 3.02
N TYR A 74 -31.36 -30.09 2.68
CA TYR A 74 -30.49 -28.93 2.84
C TYR A 74 -31.28 -27.70 3.15
N THR A 75 -30.60 -26.75 3.78
CA THR A 75 -31.08 -25.39 3.97
C THR A 75 -30.07 -24.43 3.33
N TYR A 76 -30.56 -23.31 2.81
CA TYR A 76 -29.72 -22.22 2.30
C TYR A 76 -30.29 -20.89 2.77
N ASP A 77 -29.45 -20.04 3.34
CA ASP A 77 -29.91 -18.79 3.94
C ASP A 77 -29.23 -17.57 3.31
N ASN A 78 -28.74 -17.76 2.07
CA ASN A 78 -28.01 -16.75 1.29
C ASN A 78 -26.59 -16.50 1.75
N GLU A 79 -26.12 -17.29 2.73
CA GLU A 79 -24.76 -17.17 3.25
C GLU A 79 -24.09 -18.54 3.35
N PHE A 80 -24.86 -19.52 3.80
CA PHE A 80 -24.37 -20.90 4.02
C PHE A 80 -25.35 -21.92 3.47
N LEU A 81 -24.83 -22.85 2.68
CA LEU A 81 -25.59 -24.01 2.26
C LEU A 81 -25.25 -25.12 3.25
N THR A 82 -26.26 -25.64 3.95
CA THR A 82 -26.07 -26.69 4.95
C THR A 82 -26.72 -27.97 4.47
N ILE A 83 -25.92 -29.01 4.20
CA ILE A 83 -26.48 -30.32 3.86
C ILE A 83 -26.35 -31.23 5.07
N PHE A 84 -27.50 -31.68 5.60
CA PHE A 84 -27.55 -32.38 6.88
C PHE A 84 -26.73 -33.64 6.80
N SER A 85 -25.99 -33.95 7.87
CA SER A 85 -24.99 -35.00 7.83
C SER A 85 -25.56 -36.36 7.37
N LYS A 86 -26.81 -36.65 7.68
CA LYS A 86 -27.35 -37.95 7.27
C LYS A 86 -27.37 -38.13 5.74
N PHE A 87 -27.25 -37.03 4.99
CA PHE A 87 -27.28 -37.10 3.53
C PHE A 87 -25.91 -36.92 2.91
N VAL A 88 -24.92 -36.79 3.77
CA VAL A 88 -23.54 -36.63 3.34
C VAL A 88 -22.88 -38.00 3.28
N PRO A 89 -22.30 -38.37 2.10
CA PRO A 89 -21.65 -39.67 1.90
C PRO A 89 -20.46 -39.85 2.85
N LYS A 90 -20.00 -41.08 3.06
CA LYS A 90 -18.90 -41.27 4.01
C LYS A 90 -17.59 -41.66 3.34
N SER A 91 -17.58 -41.65 2.01
CA SER A 91 -16.34 -41.75 1.25
C SER A 91 -16.39 -40.73 0.11
N LYS A 92 -15.46 -40.85 -0.82
CA LYS A 92 -15.39 -39.95 -1.96
C LYS A 92 -16.76 -39.79 -2.61
N PHE A 93 -17.10 -38.54 -2.90
CA PHE A 93 -18.38 -38.21 -3.51
C PHE A 93 -18.26 -36.96 -4.37
N ALA A 94 -19.25 -36.78 -5.23
CA ALA A 94 -19.35 -35.60 -6.07
C ALA A 94 -20.51 -34.72 -5.60
N PHE A 95 -20.23 -33.45 -5.33
CA PHE A 95 -21.28 -32.48 -5.06
C PHE A 95 -21.45 -31.63 -6.30
N SER A 96 -22.67 -31.41 -6.75
CA SER A 96 -22.81 -30.53 -7.89
C SER A 96 -23.89 -29.47 -7.66
N SER A 97 -23.78 -28.36 -8.38
CA SER A 97 -24.77 -27.31 -8.27
C SER A 97 -24.85 -26.46 -9.52
N GLU A 98 -25.99 -25.82 -9.68
CA GLU A 98 -26.15 -24.81 -10.71
C GLU A 98 -26.79 -23.60 -10.05
N VAL A 99 -26.12 -22.47 -10.19
CA VAL A 99 -26.60 -21.24 -9.55
C VAL A 99 -26.59 -20.14 -10.57
N ILE A 100 -27.34 -19.08 -10.27
CA ILE A 100 -27.38 -17.92 -11.12
C ILE A 100 -26.83 -16.72 -10.33
N ILE A 101 -25.94 -15.96 -10.96
CA ILE A 101 -25.43 -14.73 -10.37
C ILE A 101 -25.51 -13.61 -11.41
N HIS A 102 -25.20 -12.40 -11.00
CA HIS A 102 -25.55 -11.24 -11.82
C HIS A 102 -24.41 -10.23 -11.85
N PRO A 103 -23.37 -10.49 -12.65
CA PRO A 103 -22.22 -9.59 -12.57
C PRO A 103 -22.55 -8.14 -12.96
N GLU A 104 -23.54 -7.95 -13.83
CA GLU A 104 -23.87 -6.60 -14.33
C GLU A 104 -24.21 -5.65 -13.20
N THR A 105 -24.80 -6.17 -12.13
CA THR A 105 -25.26 -5.28 -11.06
C THR A 105 -24.42 -5.43 -9.79
N ASN A 106 -23.29 -6.12 -9.94
CA ASN A 106 -22.39 -6.36 -8.81
C ASN A 106 -21.43 -5.19 -8.66
N TYR A 107 -21.89 -4.15 -7.98
CA TYR A 107 -21.10 -2.91 -7.88
C TYR A 107 -20.10 -2.90 -6.75
N ALA A 108 -20.11 -3.96 -5.93
CA ALA A 108 -19.18 -4.10 -4.82
C ALA A 108 -17.80 -4.62 -5.30
N LEU A 109 -17.76 -5.12 -6.55
CA LEU A 109 -16.50 -5.48 -7.24
C LEU A 109 -15.78 -6.62 -6.49
N THR A 110 -16.58 -7.53 -5.94
CA THR A 110 -16.06 -8.76 -5.32
C THR A 110 -16.86 -9.93 -5.93
N GLY A 111 -16.24 -11.09 -6.07
CA GLY A 111 -16.91 -12.17 -6.81
C GLY A 111 -16.76 -11.94 -8.32
N LEU A 112 -17.80 -12.20 -9.10
CA LEU A 112 -17.75 -11.96 -10.54
C LEU A 112 -18.46 -10.67 -10.88
N TYR A 113 -17.79 -9.75 -11.56
CA TYR A 113 -18.49 -8.51 -11.84
C TYR A 113 -18.17 -7.94 -13.19
N LYS A 114 -18.91 -6.90 -13.57
CA LYS A 114 -18.71 -6.27 -14.86
C LYS A 114 -18.02 -4.94 -14.65
N SER A 115 -16.87 -4.73 -15.30
CA SER A 115 -16.20 -3.43 -15.26
C SER A 115 -16.24 -2.87 -16.67
N LYS A 116 -17.13 -1.90 -16.90
CA LYS A 116 -17.32 -1.34 -18.23
C LYS A 116 -17.78 -2.52 -19.11
N ASN A 117 -16.99 -2.93 -20.09
CA ASN A 117 -17.47 -4.03 -20.94
C ASN A 117 -16.68 -5.32 -20.72
N ILE A 118 -15.98 -5.39 -19.60
CA ILE A 118 -15.19 -6.55 -19.26
C ILE A 118 -15.79 -7.29 -18.06
N ILE A 119 -15.95 -8.60 -18.18
CA ILE A 119 -16.39 -9.44 -17.06
C ILE A 119 -15.13 -9.88 -16.34
N VAL A 120 -15.09 -9.76 -15.03
CA VAL A 120 -13.85 -10.03 -14.32
C VAL A 120 -14.15 -10.52 -12.90
N SER A 121 -13.27 -11.34 -12.31
CA SER A 121 -13.45 -11.80 -10.94
C SER A 121 -12.49 -11.16 -9.97
N GLN A 122 -12.90 -11.10 -8.69
CA GLN A 122 -11.96 -10.79 -7.58
C GLN A 122 -12.35 -11.70 -6.42
N CYS A 123 -11.51 -12.70 -6.13
CA CYS A 123 -11.90 -13.72 -5.15
C CYS A 123 -11.19 -13.56 -3.82
N GLU A 124 -10.02 -12.91 -3.77
CA GLU A 124 -9.42 -12.70 -2.44
C GLU A 124 -10.26 -11.66 -1.69
N ALA A 125 -10.53 -11.85 -0.40
CA ALA A 125 -10.15 -13.02 0.38
C ALA A 125 -11.24 -14.09 0.29
N THR A 126 -12.51 -13.69 0.49
CA THR A 126 -13.62 -14.66 0.45
C THR A 126 -14.68 -14.32 -0.60
N GLY A 127 -14.21 -14.01 -1.81
CA GLY A 127 -15.14 -13.68 -2.88
C GLY A 127 -15.52 -14.90 -3.74
N PHE A 128 -14.78 -16.01 -3.65
CA PHE A 128 -15.11 -17.17 -4.51
C PHE A 128 -16.54 -17.67 -4.20
N ARG A 129 -16.94 -17.54 -2.93
CA ARG A 129 -18.26 -17.99 -2.48
C ARG A 129 -19.40 -17.15 -3.07
N ARG A 130 -19.06 -16.02 -3.68
CA ARG A 130 -20.02 -15.17 -4.41
C ARG A 130 -20.22 -15.65 -5.85
N ILE A 131 -19.42 -16.64 -6.25
CA ILE A 131 -19.48 -17.22 -7.60
C ILE A 131 -20.13 -18.61 -7.57
N THR A 132 -19.72 -19.44 -6.62
CA THR A 132 -20.32 -20.75 -6.48
C THR A 132 -20.10 -21.26 -5.06
N PHE A 133 -20.77 -22.35 -4.70
CA PHE A 133 -20.59 -22.93 -3.36
C PHE A 133 -19.18 -23.48 -3.19
N PHE A 134 -18.62 -23.31 -2.00
CA PHE A 134 -17.28 -23.81 -1.73
C PHE A 134 -16.97 -23.77 -0.24
N ILE A 135 -15.95 -24.48 0.18
CA ILE A 135 -15.46 -24.29 1.53
C ILE A 135 -14.35 -23.26 1.39
N ASP A 136 -14.74 -21.98 1.48
CA ASP A 136 -13.97 -20.87 0.99
C ASP A 136 -12.94 -20.44 2.06
N ARG A 137 -11.84 -21.17 2.13
CA ARG A 137 -10.70 -20.89 3.03
C ARG A 137 -9.44 -21.38 2.32
N PRO A 138 -8.30 -20.72 2.57
CA PRO A 138 -7.12 -20.96 1.72
C PRO A 138 -6.45 -22.28 1.94
N ASP A 139 -6.82 -23.05 2.97
CA ASP A 139 -6.21 -24.37 3.15
C ASP A 139 -6.99 -25.48 2.43
N MET A 140 -8.05 -25.12 1.71
CA MET A 140 -8.81 -26.08 0.89
C MET A 140 -8.29 -26.11 -0.55
N MET A 141 -7.18 -26.81 -0.74
CA MET A 141 -6.45 -26.82 -2.00
C MET A 141 -7.04 -27.82 -2.99
N ALA A 142 -7.19 -27.41 -4.23
CA ALA A 142 -7.85 -28.24 -5.25
C ALA A 142 -7.32 -27.99 -6.67
N LYS A 143 -7.57 -28.95 -7.57
CA LYS A 143 -7.28 -28.79 -8.99
C LYS A 143 -8.51 -28.14 -9.65
N TYR A 144 -8.30 -27.32 -10.69
CA TYR A 144 -9.40 -26.62 -11.35
C TYR A 144 -9.46 -26.94 -12.84
N ASP A 145 -10.66 -27.18 -13.33
CA ASP A 145 -10.93 -27.38 -14.75
C ASP A 145 -12.09 -26.43 -15.07
N VAL A 146 -11.84 -25.39 -15.83
CA VAL A 146 -12.81 -24.31 -15.96
C VAL A 146 -13.18 -24.03 -17.42
N THR A 147 -14.47 -24.07 -17.72
CA THR A 147 -14.96 -23.70 -19.03
C THR A 147 -15.78 -22.39 -18.94
N VAL A 148 -15.48 -21.46 -19.81
CA VAL A 148 -16.23 -20.23 -19.91
C VAL A 148 -16.92 -20.12 -21.27
N THR A 149 -18.19 -19.75 -21.28
CA THR A 149 -18.85 -19.51 -22.58
C THR A 149 -19.49 -18.13 -22.56
N ALA A 150 -19.60 -17.51 -23.74
CA ALA A 150 -20.09 -16.13 -23.83
C ALA A 150 -20.41 -15.75 -25.28
N ASP A 151 -21.18 -14.67 -25.45
CA ASP A 151 -21.39 -14.10 -26.77
C ASP A 151 -20.04 -13.74 -27.41
N LYS A 152 -19.79 -14.21 -28.63
CA LYS A 152 -18.45 -14.08 -29.19
C LYS A 152 -18.10 -12.66 -29.61
N GLU A 153 -19.09 -11.92 -30.12
CA GLU A 153 -18.87 -10.52 -30.49
C GLU A 153 -18.56 -9.65 -29.29
N LYS A 154 -19.32 -9.80 -28.20
CA LYS A 154 -19.08 -8.99 -26.98
C LYS A 154 -17.82 -9.40 -26.24
N TYR A 155 -17.55 -10.72 -26.25
CA TYR A 155 -16.50 -11.28 -25.38
C TYR A 155 -15.57 -12.23 -26.12
N PRO A 156 -14.81 -11.74 -27.13
CA PRO A 156 -13.95 -12.62 -27.93
C PRO A 156 -12.74 -13.21 -27.18
N VAL A 157 -12.30 -12.54 -26.11
CA VAL A 157 -11.16 -13.02 -25.34
C VAL A 157 -11.64 -13.60 -24.02
N LEU A 158 -11.30 -14.87 -23.78
CA LEU A 158 -11.70 -15.62 -22.58
C LEU A 158 -10.42 -16.10 -21.89
N LEU A 159 -10.27 -15.81 -20.60
CA LEU A 159 -9.09 -16.25 -19.84
C LEU A 159 -9.51 -16.84 -18.50
N SER A 160 -8.77 -17.86 -18.06
CA SER A 160 -8.82 -18.31 -16.68
C SER A 160 -7.42 -18.85 -16.34
N ASN A 161 -7.26 -19.40 -15.14
CA ASN A 161 -6.00 -20.00 -14.74
C ASN A 161 -5.61 -21.23 -15.56
N GLY A 162 -4.31 -21.52 -15.68
CA GLY A 162 -3.86 -22.74 -16.32
C GLY A 162 -3.74 -22.69 -17.83
N ASP A 163 -3.72 -23.86 -18.47
CA ASP A 163 -3.56 -23.93 -19.92
C ASP A 163 -4.89 -23.95 -20.64
N LYS A 164 -5.00 -23.16 -21.70
CA LYS A 164 -6.21 -23.22 -22.51
C LYS A 164 -6.13 -24.49 -23.32
N VAL A 165 -7.06 -25.41 -23.12
CA VAL A 165 -6.94 -26.71 -23.77
C VAL A 165 -7.96 -26.95 -24.86
N ASN A 166 -9.01 -26.15 -24.90
CA ASN A 166 -9.98 -26.21 -25.98
C ASN A 166 -10.63 -24.85 -26.24
N GLU A 167 -10.99 -24.61 -27.49
CA GLU A 167 -11.70 -23.42 -27.92
C GLU A 167 -12.77 -23.88 -28.88
N PHE A 168 -14.00 -23.42 -28.71
CA PHE A 168 -15.06 -24.02 -29.53
C PHE A 168 -16.21 -23.08 -29.78
N GLU A 169 -16.90 -23.33 -30.89
CA GLU A 169 -18.07 -22.54 -31.28
C GLU A 169 -19.33 -23.10 -30.69
N ILE A 170 -20.30 -22.23 -30.43
CA ILE A 170 -21.58 -22.58 -29.82
C ILE A 170 -22.67 -21.90 -30.65
N PRO A 171 -23.78 -22.60 -30.91
CA PRO A 171 -24.90 -22.00 -31.67
C PRO A 171 -25.44 -20.71 -31.07
N GLY A 172 -25.86 -19.79 -31.92
CA GLY A 172 -26.46 -18.54 -31.45
C GLY A 172 -25.42 -17.46 -31.22
N GLY A 173 -24.26 -17.62 -31.87
CA GLY A 173 -23.23 -16.59 -31.83
C GLY A 173 -22.35 -16.65 -30.58
N ARG A 174 -22.29 -17.81 -29.92
CA ARG A 174 -21.51 -17.92 -28.68
C ARG A 174 -20.23 -18.72 -28.93
N HIS A 175 -19.35 -18.75 -27.94
CA HIS A 175 -18.14 -19.52 -28.06
C HIS A 175 -17.65 -19.84 -26.66
N GLY A 176 -16.83 -20.87 -26.55
CA GLY A 176 -16.36 -21.32 -25.25
C GLY A 176 -14.85 -21.56 -25.27
N ALA A 177 -14.24 -21.50 -24.09
CA ALA A 177 -12.85 -21.93 -23.94
C ALA A 177 -12.73 -22.70 -22.64
N ARG A 178 -11.94 -23.78 -22.70
CA ARG A 178 -11.67 -24.63 -21.55
C ARG A 178 -10.24 -24.46 -21.06
N PHE A 179 -10.09 -24.24 -19.76
CA PHE A 179 -8.79 -24.05 -19.12
C PHE A 179 -8.55 -25.12 -18.09
N ASN A 180 -7.44 -25.84 -18.20
CA ASN A 180 -7.13 -26.82 -17.18
C ASN A 180 -5.91 -26.43 -16.39
N ASP A 181 -6.04 -26.39 -15.07
CA ASP A 181 -4.95 -25.92 -14.20
C ASP A 181 -4.64 -27.03 -13.18
N PRO A 182 -3.79 -27.97 -13.56
CA PRO A 182 -3.59 -29.13 -12.66
C PRO A 182 -2.94 -28.89 -11.26
N PRO A 183 -2.00 -27.94 -11.09
CA PRO A 183 -1.42 -27.75 -9.76
C PRO A 183 -2.47 -27.29 -8.73
N LEU A 184 -2.42 -27.85 -7.52
CA LEU A 184 -3.34 -27.43 -6.47
C LEU A 184 -3.25 -25.95 -6.19
N LYS A 185 -4.41 -25.33 -5.92
CA LYS A 185 -4.43 -23.94 -5.45
C LYS A 185 -5.61 -23.71 -4.55
N PRO A 186 -5.50 -22.70 -3.67
CA PRO A 186 -6.65 -22.18 -2.92
C PRO A 186 -7.59 -21.39 -3.82
N CYS A 187 -8.85 -21.32 -3.44
CA CYS A 187 -9.84 -20.70 -4.35
C CYS A 187 -9.71 -19.19 -4.48
N TYR A 188 -9.02 -18.51 -3.55
CA TYR A 188 -8.92 -17.05 -3.70
C TYR A 188 -8.00 -16.71 -4.87
N LEU A 189 -7.30 -17.70 -5.43
CA LEU A 189 -6.45 -17.46 -6.59
C LEU A 189 -7.10 -17.82 -7.92
N PHE A 190 -8.35 -18.30 -7.88
CA PHE A 190 -9.14 -18.51 -9.09
C PHE A 190 -9.40 -17.16 -9.74
N ALA A 191 -9.33 -17.09 -11.07
CA ALA A 191 -9.79 -15.90 -11.77
C ALA A 191 -10.38 -16.25 -13.14
N VAL A 192 -11.27 -15.39 -13.62
CA VAL A 192 -11.78 -15.51 -14.98
C VAL A 192 -11.97 -14.11 -15.51
N VAL A 193 -11.71 -13.93 -16.81
CA VAL A 193 -11.86 -12.68 -17.49
C VAL A 193 -12.46 -12.91 -18.85
N ALA A 194 -13.46 -12.11 -19.22
CA ALA A 194 -14.02 -12.20 -20.58
C ALA A 194 -14.17 -10.78 -21.11
N GLY A 195 -13.73 -10.53 -22.33
CA GLY A 195 -13.89 -9.21 -22.90
C GLY A 195 -13.32 -9.04 -24.27
N ASP A 196 -13.52 -7.86 -24.84
CA ASP A 196 -12.94 -7.50 -26.13
C ASP A 196 -11.57 -6.89 -25.86
N LEU A 197 -10.64 -7.73 -25.41
CA LEU A 197 -9.34 -7.24 -24.97
C LEU A 197 -8.32 -7.21 -26.08
N LYS A 198 -7.45 -6.20 -26.06
CA LYS A 198 -6.33 -6.11 -26.99
C LYS A 198 -5.06 -6.30 -26.18
N HIS A 199 -3.97 -6.71 -26.81
CA HIS A 199 -2.77 -7.06 -26.02
C HIS A 199 -1.45 -6.63 -26.67
N LEU A 200 -0.42 -6.55 -25.83
CA LEU A 200 0.98 -6.61 -26.26
C LEU A 200 1.54 -7.93 -25.74
N SER A 201 2.49 -8.54 -26.42
CA SER A 201 3.05 -9.79 -25.89
C SER A 201 4.54 -9.85 -26.14
N ALA A 202 5.21 -10.71 -25.38
CA ALA A 202 6.64 -10.96 -25.55
C ALA A 202 6.96 -12.36 -25.08
N THR A 203 8.15 -12.84 -25.40
CA THR A 203 8.62 -14.13 -24.92
C THR A 203 9.80 -13.92 -24.00
N TYR A 204 9.78 -14.55 -22.82
CA TYR A 204 10.87 -14.44 -21.87
C TYR A 204 11.50 -15.81 -21.73
N ILE A 205 12.83 -15.89 -21.77
CA ILE A 205 13.49 -17.18 -21.60
C ILE A 205 14.14 -17.22 -20.22
N THR A 206 13.76 -18.20 -19.40
CA THR A 206 14.20 -18.20 -18.01
C THR A 206 15.70 -18.44 -17.92
N LYS A 207 16.32 -18.03 -16.83
CA LYS A 207 17.77 -18.00 -16.71
C LYS A 207 18.45 -19.38 -16.65
N TYR A 208 17.83 -20.31 -15.95
CA TYR A 208 18.51 -21.57 -15.70
C TYR A 208 17.93 -22.75 -16.51
N THR A 209 16.61 -22.94 -16.45
CA THR A 209 15.99 -24.03 -17.17
C THR A 209 15.74 -23.67 -18.63
N LYS A 210 15.85 -22.38 -18.97
CA LYS A 210 15.71 -21.91 -20.33
C LYS A 210 14.32 -22.20 -20.89
N LYS A 211 13.32 -22.19 -20.02
CA LYS A 211 11.93 -22.33 -20.46
C LYS A 211 11.49 -21.04 -21.17
N LYS A 212 10.75 -21.20 -22.27
CA LYS A 212 10.07 -20.09 -22.91
C LYS A 212 8.79 -19.76 -22.18
N VAL A 213 8.67 -18.51 -21.72
CA VAL A 213 7.45 -18.05 -21.09
C VAL A 213 6.80 -16.97 -21.96
N GLU A 214 5.51 -17.16 -22.31
CA GLU A 214 4.78 -16.15 -23.06
C GLU A 214 4.19 -15.14 -22.10
N LEU A 215 4.47 -13.86 -22.34
CA LEU A 215 3.97 -12.78 -21.53
C LEU A 215 2.90 -12.00 -22.28
N TYR A 216 1.73 -11.80 -21.69
CA TYR A 216 0.67 -11.02 -22.34
C TYR A 216 0.17 -9.94 -21.43
N VAL A 217 0.01 -8.73 -21.97
CA VAL A 217 -0.60 -7.65 -21.16
C VAL A 217 -1.84 -7.15 -21.92
N PHE A 218 -2.96 -7.02 -21.23
CA PHE A 218 -4.26 -6.79 -21.90
C PHE A 218 -4.92 -5.52 -21.39
N SER A 219 -5.66 -4.86 -22.28
CA SER A 219 -6.54 -3.78 -21.86
C SER A 219 -7.67 -3.63 -22.88
N GLU A 220 -8.62 -2.73 -22.59
CA GLU A 220 -9.61 -2.39 -23.62
C GLU A 220 -8.88 -1.75 -24.78
N GLU A 221 -9.49 -1.83 -25.96
CA GLU A 221 -8.84 -1.37 -27.18
C GLU A 221 -8.36 0.08 -27.17
N LYS A 222 -9.17 0.95 -26.56
CA LYS A 222 -8.88 2.38 -26.46
C LYS A 222 -7.50 2.68 -25.85
N TYR A 223 -7.05 1.83 -24.94
CA TYR A 223 -5.83 2.16 -24.16
C TYR A 223 -4.66 1.20 -24.41
N VAL A 224 -4.75 0.43 -25.49
CA VAL A 224 -3.76 -0.60 -25.76
C VAL A 224 -2.35 0.01 -25.94
N SER A 225 -2.28 1.25 -26.38
CA SER A 225 -0.99 1.94 -26.48
C SER A 225 -0.39 2.34 -25.11
N LYS A 226 -1.10 2.11 -24.02
CA LYS A 226 -0.57 2.45 -22.67
C LYS A 226 0.00 1.22 -21.98
N LEU A 227 0.21 0.13 -22.74
CA LEU A 227 0.58 -1.14 -22.11
C LEU A 227 2.10 -1.43 -22.05
N GLN A 228 2.90 -0.67 -22.79
CA GLN A 228 4.31 -1.03 -23.00
C GLN A 228 5.16 -1.04 -21.73
N TRP A 229 4.99 -0.04 -20.87
CA TRP A 229 5.82 0.03 -19.66
C TRP A 229 5.58 -1.18 -18.79
N ALA A 230 4.31 -1.57 -18.65
CA ALA A 230 3.94 -2.74 -17.85
C ALA A 230 4.68 -4.01 -18.30
N LEU A 231 4.75 -4.23 -19.62
CA LEU A 231 5.42 -5.40 -20.14
C LEU A 231 6.90 -5.33 -19.82
N GLU A 232 7.50 -4.14 -19.97
CA GLU A 232 8.90 -3.97 -19.60
C GLU A 232 9.10 -4.30 -18.10
N CYS A 233 8.19 -3.80 -17.27
CA CYS A 233 8.31 -4.00 -15.82
C CYS A 233 8.20 -5.49 -15.48
N LEU A 234 7.36 -6.19 -16.23
CA LEU A 234 7.18 -7.62 -15.97
C LEU A 234 8.48 -8.36 -16.26
N LYS A 235 9.11 -7.99 -17.37
CA LYS A 235 10.42 -8.56 -17.72
C LYS A 235 11.44 -8.31 -16.63
N LYS A 236 11.44 -7.08 -16.13
CA LYS A 236 12.39 -6.68 -15.09
C LYS A 236 12.18 -7.47 -13.81
N SER A 237 10.91 -7.73 -13.50
CA SER A 237 10.54 -8.44 -12.29
C SER A 237 11.03 -9.86 -12.36
N MET A 238 10.79 -10.49 -13.51
CA MET A 238 11.24 -11.87 -13.69
C MET A 238 12.74 -11.99 -13.51
N ALA A 239 13.47 -11.08 -14.15
CA ALA A 239 14.94 -11.08 -14.02
C ALA A 239 15.41 -10.88 -12.58
N PHE A 240 14.76 -9.99 -11.84
CA PHE A 240 15.19 -9.72 -10.46
C PHE A 240 15.00 -10.95 -9.58
N ASP A 241 13.87 -11.62 -9.73
CA ASP A 241 13.63 -12.79 -8.86
C ASP A 241 14.67 -13.86 -9.24
N GLU A 242 14.99 -13.96 -10.53
CA GLU A 242 16.07 -14.86 -10.93
C GLU A 242 17.43 -14.44 -10.34
N ASP A 243 17.75 -13.15 -10.39
CA ASP A 243 19.11 -12.73 -10.08
C ASP A 243 19.35 -12.65 -8.58
N TYR A 244 18.39 -12.12 -7.84
CA TYR A 244 18.53 -11.98 -6.41
C TYR A 244 18.22 -13.30 -5.71
N PHE A 245 17.08 -13.89 -6.06
CA PHE A 245 16.56 -15.03 -5.28
C PHE A 245 16.78 -16.38 -5.96
N GLY A 246 17.26 -16.35 -7.20
CA GLY A 246 17.44 -17.57 -7.97
C GLY A 246 16.14 -18.31 -8.32
N LEU A 247 15.03 -17.59 -8.35
CA LEU A 247 13.72 -18.17 -8.61
C LEU A 247 13.23 -17.88 -10.04
N GLU A 248 12.83 -18.94 -10.76
CA GLU A 248 12.28 -18.80 -12.10
C GLU A 248 10.79 -19.05 -12.12
N TYR A 249 10.13 -18.43 -13.09
CA TYR A 249 8.71 -18.68 -13.31
C TYR A 249 8.52 -20.10 -13.81
N ASP A 250 7.49 -20.78 -13.30
CA ASP A 250 7.23 -22.20 -13.56
C ASP A 250 6.16 -22.50 -14.62
N LEU A 251 5.42 -21.49 -15.06
CA LEU A 251 4.32 -21.74 -16.01
C LEU A 251 4.65 -21.27 -17.42
N SER A 252 3.89 -21.71 -18.42
CA SER A 252 4.30 -21.37 -19.79
C SER A 252 3.77 -19.99 -20.21
N ARG A 253 2.92 -19.39 -19.40
CA ARG A 253 2.33 -18.12 -19.78
C ARG A 253 1.93 -17.33 -18.56
N LEU A 254 2.06 -16.00 -18.67
CA LEU A 254 1.61 -15.08 -17.63
C LEU A 254 0.81 -13.97 -18.30
N ASN A 255 -0.43 -13.78 -17.85
CA ASN A 255 -1.29 -12.70 -18.36
C ASN A 255 -1.48 -11.60 -17.33
N LEU A 256 -1.35 -10.35 -17.77
CA LEU A 256 -1.71 -9.19 -16.94
C LEU A 256 -2.88 -8.50 -17.60
N VAL A 257 -3.90 -8.15 -16.82
CA VAL A 257 -5.11 -7.56 -17.40
C VAL A 257 -5.51 -6.28 -16.66
N ALA A 258 -5.68 -5.18 -17.37
CA ALA A 258 -6.17 -3.93 -16.75
C ALA A 258 -7.70 -3.77 -16.83
N VAL A 259 -8.33 -3.47 -15.69
CA VAL A 259 -9.75 -3.10 -15.67
C VAL A 259 -9.93 -1.76 -15.00
N SER A 260 -10.98 -1.05 -15.41
CA SER A 260 -11.24 0.29 -14.93
C SER A 260 -11.78 0.33 -13.49
N ASP A 261 -12.51 -0.72 -13.10
CA ASP A 261 -13.16 -0.72 -11.78
C ASP A 261 -12.54 -1.76 -10.86
N PHE A 262 -11.82 -1.31 -9.83
CA PHE A 262 -11.08 -2.25 -8.99
C PHE A 262 -10.95 -1.65 -7.60
N ASN A 263 -11.16 -2.46 -6.57
CA ASN A 263 -11.14 -1.94 -5.18
C ASN A 263 -9.77 -1.55 -4.70
N VAL A 264 -8.74 -2.22 -5.23
CA VAL A 264 -7.37 -1.96 -4.75
C VAL A 264 -6.40 -1.73 -5.93
N GLY A 265 -5.13 -2.05 -5.75
CA GLY A 265 -4.16 -1.90 -6.84
C GLY A 265 -4.11 -3.05 -7.87
N ALA A 266 -3.95 -4.29 -7.41
CA ALA A 266 -3.93 -5.44 -8.32
C ALA A 266 -4.05 -6.74 -7.53
N MET A 267 -4.16 -7.86 -8.24
CA MET A 267 -4.41 -9.12 -7.59
C MET A 267 -3.59 -10.20 -8.28
N GLU A 268 -2.96 -11.09 -7.50
CA GLU A 268 -2.01 -12.05 -8.04
C GLU A 268 -2.61 -13.42 -8.47
N ASN A 269 -3.83 -13.47 -9.00
CA ASN A 269 -4.37 -14.76 -9.47
C ASN A 269 -3.41 -15.51 -10.39
N LYS A 270 -3.26 -16.83 -10.17
CA LYS A 270 -2.16 -17.60 -10.77
C LYS A 270 -2.21 -17.55 -12.28
N GLY A 271 -1.15 -17.03 -12.88
CA GLY A 271 -1.03 -16.88 -14.33
C GLY A 271 -1.95 -15.83 -14.92
N LEU A 272 -2.73 -15.16 -14.07
CA LEU A 272 -3.77 -14.23 -14.57
C LEU A 272 -3.92 -13.06 -13.58
N ASN A 273 -2.92 -12.18 -13.58
CA ASN A 273 -2.90 -11.08 -12.62
C ASN A 273 -3.82 -9.96 -13.11
N ILE A 274 -4.67 -9.45 -12.23
CA ILE A 274 -5.66 -8.48 -12.61
C ILE A 274 -5.36 -7.16 -11.90
N PHE A 275 -5.37 -6.06 -12.67
CA PHE A 275 -4.88 -4.76 -12.20
C PHE A 275 -5.96 -3.70 -12.31
N ASN A 276 -6.05 -2.86 -11.27
CA ASN A 276 -6.58 -1.52 -11.48
C ASN A 276 -5.85 -0.92 -12.66
N ALA A 277 -6.57 -0.41 -13.67
CA ALA A 277 -5.94 0.30 -14.79
C ALA A 277 -4.93 1.35 -14.33
N ASN A 278 -5.21 2.05 -13.24
CA ASN A 278 -4.25 3.09 -12.84
C ASN A 278 -2.92 2.50 -12.33
N SER A 279 -2.84 1.18 -12.19
CA SER A 279 -1.59 0.59 -11.75
C SER A 279 -0.99 -0.33 -12.83
N LEU A 280 -1.47 -0.21 -14.07
CA LEU A 280 -0.90 -0.99 -15.18
C LEU A 280 -0.66 -0.12 -16.42
N LEU A 281 -1.53 0.86 -16.66
CA LEU A 281 -1.48 1.63 -17.91
C LEU A 281 -0.80 3.01 -17.77
N ALA A 282 0.07 3.34 -18.73
CA ALA A 282 0.66 4.67 -18.72
C ALA A 282 1.15 5.01 -20.11
N SER A 283 1.21 6.30 -20.43
CA SER A 283 1.97 6.81 -21.56
C SER A 283 2.50 8.20 -21.17
N LYS A 284 3.59 8.62 -21.77
CA LYS A 284 4.22 9.85 -21.32
C LYS A 284 3.33 11.07 -21.58
N LYS A 285 2.48 10.99 -22.58
CA LYS A 285 1.55 12.08 -22.88
C LYS A 285 0.35 12.11 -21.92
N ASN A 286 -0.08 10.96 -21.46
CA ASN A 286 -1.31 10.85 -20.67
C ASN A 286 -1.18 10.35 -19.23
N SER A 287 0.03 10.37 -18.66
CA SER A 287 0.18 9.97 -17.27
C SER A 287 1.15 10.91 -16.57
N ILE A 288 0.93 11.10 -15.28
CA ILE A 288 1.93 11.78 -14.47
C ILE A 288 3.08 10.83 -14.14
N ASP A 289 4.19 11.43 -13.74
CA ASP A 289 5.41 10.67 -13.44
C ASP A 289 5.21 9.54 -12.43
N PHE A 290 4.41 9.79 -11.41
CA PHE A 290 4.17 8.81 -10.35
CA PHE A 290 4.11 8.83 -10.35
C PHE A 290 3.66 7.49 -10.91
N SER A 291 2.98 7.52 -12.04
CA SER A 291 2.45 6.27 -12.62
C SER A 291 3.53 5.25 -12.93
N TYR A 292 4.70 5.76 -13.31
CA TYR A 292 5.78 4.90 -13.77
C TYR A 292 6.35 4.10 -12.60
N ALA A 293 6.57 4.75 -11.45
CA ALA A 293 7.03 3.98 -10.30
C ALA A 293 5.90 3.10 -9.81
N ARG A 294 4.66 3.60 -9.86
CA ARG A 294 3.50 2.79 -9.42
C ARG A 294 3.40 1.45 -10.16
N ILE A 295 3.40 1.52 -11.47
CA ILE A 295 3.28 0.33 -12.33
C ILE A 295 4.45 -0.60 -12.05
N LEU A 296 5.64 -0.04 -11.92
CA LEU A 296 6.81 -0.90 -11.64
C LEU A 296 6.59 -1.69 -10.34
N THR A 297 6.13 -1.01 -9.30
CA THR A 297 6.04 -1.67 -8.01
C THR A 297 4.86 -2.65 -7.96
N VAL A 298 3.76 -2.32 -8.63
CA VAL A 298 2.61 -3.18 -8.54
C VAL A 298 2.78 -4.41 -9.47
N VAL A 299 3.31 -4.21 -10.68
CA VAL A 299 3.63 -5.38 -11.54
C VAL A 299 4.63 -6.27 -10.77
N GLY A 300 5.63 -5.66 -10.14
CA GLY A 300 6.61 -6.44 -9.41
C GLY A 300 5.96 -7.20 -8.27
N HIS A 301 5.13 -6.47 -7.50
CA HIS A 301 4.46 -7.04 -6.34
C HIS A 301 3.66 -8.29 -6.76
N GLU A 302 2.82 -8.18 -7.79
CA GLU A 302 2.02 -9.38 -8.14
C GLU A 302 2.92 -10.51 -8.68
N TYR A 303 3.99 -10.15 -9.41
CA TYR A 303 4.87 -11.22 -9.92
C TYR A 303 5.54 -11.96 -8.75
N PHE A 304 6.01 -11.23 -7.74
CA PHE A 304 6.73 -11.86 -6.63
C PHE A 304 5.82 -12.76 -5.80
N HIS A 305 4.52 -12.48 -5.89
CA HIS A 305 3.55 -13.37 -5.23
C HIS A 305 3.61 -14.81 -5.79
N GLN A 306 4.11 -14.99 -7.02
CA GLN A 306 4.00 -16.34 -7.61
C GLN A 306 4.71 -17.39 -6.73
N TYR A 307 5.83 -16.98 -6.15
CA TYR A 307 6.42 -17.73 -5.02
C TYR A 307 5.82 -17.43 -3.65
N THR A 308 5.84 -16.15 -3.23
CA THR A 308 5.46 -15.83 -1.86
C THR A 308 3.95 -15.51 -1.78
N GLY A 309 3.13 -16.55 -1.72
CA GLY A 309 1.68 -16.43 -1.66
C GLY A 309 0.98 -17.48 -2.57
N ASN A 310 1.57 -17.79 -3.72
CA ASN A 310 0.93 -18.67 -4.71
C ASN A 310 1.52 -20.07 -4.61
N ARG A 311 2.82 -20.20 -4.84
CA ARG A 311 3.46 -21.51 -4.68
C ARG A 311 3.60 -21.86 -3.20
N VAL A 312 4.00 -20.91 -2.35
CA VAL A 312 3.86 -21.10 -0.90
C VAL A 312 2.65 -20.27 -0.48
N THR A 313 1.58 -20.91 -0.05
CA THR A 313 0.38 -20.14 0.26
C THR A 313 0.09 -20.11 1.78
N LEU A 314 -1.10 -19.64 2.14
CA LEU A 314 -1.45 -19.38 3.54
C LEU A 314 -2.27 -20.50 4.19
N ARG A 315 -1.96 -20.83 5.44
CA ARG A 315 -2.82 -21.79 6.14
C ARG A 315 -4.20 -21.24 6.42
N ASP A 316 -4.25 -19.96 6.75
CA ASP A 316 -5.50 -19.31 7.19
C ASP A 316 -5.26 -17.82 7.01
N TRP A 317 -6.29 -17.00 7.14
CA TRP A 317 -6.16 -15.59 6.79
C TRP A 317 -5.39 -14.81 7.86
N PHE A 318 -5.26 -15.39 9.05
CA PHE A 318 -4.44 -14.69 10.08
C PHE A 318 -2.98 -14.67 9.66
N GLN A 319 -2.58 -15.56 8.74
CA GLN A 319 -1.21 -15.49 8.21
C GLN A 319 -1.02 -14.48 7.09
N LEU A 320 -1.99 -13.60 6.83
CA LEU A 320 -1.89 -12.70 5.68
C LEU A 320 -0.52 -11.99 5.51
N THR A 321 0.06 -11.52 6.61
CA THR A 321 1.33 -10.75 6.49
C THR A 321 2.47 -11.64 6.01
N LEU A 322 2.33 -12.95 6.18
CA LEU A 322 3.33 -13.88 5.63
C LEU A 322 3.45 -13.77 4.12
N LYS A 323 2.33 -13.57 3.42
CA LYS A 323 2.48 -13.35 1.98
C LYS A 323 2.51 -11.86 1.66
N GLU A 324 1.81 -11.02 2.41
CA GLU A 324 1.83 -9.61 2.01
C GLU A 324 3.06 -8.84 2.51
N GLY A 325 3.40 -8.99 3.78
CA GLY A 325 4.60 -8.33 4.29
C GLY A 325 5.81 -8.81 3.50
N LEU A 326 5.89 -10.12 3.22
CA LEU A 326 7.05 -10.63 2.50
C LEU A 326 7.09 -10.14 1.02
N THR A 327 5.93 -10.09 0.36
CA THR A 327 5.89 -9.64 -1.03
C THR A 327 6.13 -8.13 -1.12
N VAL A 328 5.65 -7.34 -0.15
CA VAL A 328 6.00 -5.90 -0.15
C VAL A 328 7.54 -5.74 0.03
N HIS A 329 8.12 -6.57 0.88
CA HIS A 329 9.56 -6.51 1.10
C HIS A 329 10.27 -6.87 -0.20
N ARG A 330 9.81 -7.91 -0.88
CA ARG A 330 10.44 -8.27 -2.15
C ARG A 330 10.23 -7.19 -3.20
N GLU A 331 9.02 -6.66 -3.25
CA GLU A 331 8.69 -5.51 -4.12
C GLU A 331 9.60 -4.28 -3.86
N ASN A 332 9.79 -3.95 -2.60
CA ASN A 332 10.68 -2.84 -2.25
C ASN A 332 12.16 -3.08 -2.60
N LEU A 333 12.69 -4.27 -2.37
CA LEU A 333 14.06 -4.60 -2.82
C LEU A 333 14.20 -4.38 -4.31
N PHE A 334 13.17 -4.82 -5.02
CA PHE A 334 13.15 -4.77 -6.48
C PHE A 334 13.13 -3.33 -6.94
N SER A 335 12.24 -2.55 -6.36
CA SER A 335 12.08 -1.16 -6.75
CA SER A 335 12.11 -1.20 -6.83
C SER A 335 13.32 -0.36 -6.43
N GLU A 336 13.93 -0.62 -5.25
CA GLU A 336 15.19 0.10 -4.95
C GLU A 336 16.27 -0.19 -6.00
N GLU A 337 16.35 -1.44 -6.41
CA GLU A 337 17.39 -1.85 -7.37
C GLU A 337 17.10 -1.30 -8.78
N MET A 338 15.82 -1.18 -9.14
CA MET A 338 15.50 -0.69 -10.49
C MET A 338 15.61 0.82 -10.63
N THR A 339 15.27 1.55 -9.56
CA THR A 339 15.20 3.01 -9.66
C THR A 339 16.58 3.61 -9.40
N LYS A 340 17.39 2.93 -8.58
CA LYS A 340 18.72 3.41 -8.18
C LYS A 340 18.71 4.85 -7.63
N THR A 341 17.66 5.20 -6.91
CA THR A 341 17.54 6.53 -6.33
C THR A 341 17.34 6.34 -4.85
N VAL A 342 18.03 7.12 -4.00
CA VAL A 342 17.79 7.00 -2.56
C VAL A 342 16.35 7.37 -2.14
N THR A 343 15.65 8.16 -2.95
CA THR A 343 14.31 8.52 -2.51
C THR A 343 13.31 7.36 -2.49
N THR A 344 13.62 6.26 -3.17
CA THR A 344 12.72 5.11 -3.16
C THR A 344 12.57 4.55 -1.74
N ARG A 345 13.70 4.27 -1.09
CA ARG A 345 13.62 3.78 0.29
C ARG A 345 13.01 4.87 1.18
N LEU A 346 13.40 6.14 0.95
CA LEU A 346 12.87 7.24 1.79
C LEU A 346 11.36 7.32 1.65
N SER A 347 10.85 7.09 0.45
CA SER A 347 9.40 7.23 0.27
C SER A 347 8.62 6.14 1.05
N HIS A 348 9.19 4.95 1.13
CA HIS A 348 8.61 3.85 1.91
CA HIS A 348 8.52 3.90 1.92
C HIS A 348 8.59 4.22 3.40
N VAL A 349 9.69 4.78 3.86
CA VAL A 349 9.75 5.16 5.28
C VAL A 349 8.74 6.28 5.56
N ASP A 350 8.66 7.24 4.65
CA ASP A 350 7.76 8.42 4.78
C ASP A 350 6.30 7.95 4.90
N LEU A 351 5.95 6.98 4.08
CA LEU A 351 4.64 6.36 4.15
C LEU A 351 4.40 5.62 5.48
N LEU A 352 5.34 4.77 5.86
CA LEU A 352 5.18 4.04 7.12
C LEU A 352 4.98 5.00 8.31
N ARG A 353 5.88 6.00 8.46
CA ARG A 353 5.88 6.79 9.67
C ARG A 353 4.76 7.82 9.71
N SER A 354 4.09 8.05 8.59
CA SER A 354 2.92 8.89 8.62
C SER A 354 1.68 7.97 8.78
N VAL A 355 1.29 7.29 7.73
CA VAL A 355 0.04 6.50 7.73
C VAL A 355 0.03 5.29 8.68
N GLN A 356 1.12 4.50 8.69
CA GLN A 356 1.06 3.31 9.51
C GLN A 356 1.27 3.66 10.99
N PHE A 357 2.14 4.64 11.29
CA PHE A 357 2.31 5.03 12.70
C PHE A 357 1.01 5.59 13.24
N LEU A 358 0.30 6.39 12.44
CA LEU A 358 -1.02 6.86 12.86
C LEU A 358 -1.98 5.69 13.17
N GLU A 359 -2.05 4.71 12.26
CA GLU A 359 -2.90 3.54 12.52
C GLU A 359 -2.50 2.86 13.83
N ASP A 360 -1.18 2.77 14.06
CA ASP A 360 -0.71 1.96 15.19
C ASP A 360 -0.92 2.70 16.52
N SER A 361 -1.14 4.00 16.50
CA SER A 361 -1.50 4.69 17.74
C SER A 361 -3.01 5.04 17.80
N SER A 362 -3.79 4.53 16.84
CA SER A 362 -5.26 4.74 16.84
C SER A 362 -5.99 3.59 17.53
N PRO A 363 -7.31 3.74 17.75
CA PRO A 363 -8.10 2.64 18.33
C PRO A 363 -8.10 1.40 17.41
N LEU A 364 -7.64 1.56 16.18
CA LEU A 364 -7.61 0.46 15.19
C LEU A 364 -6.33 -0.36 15.31
N SER A 365 -5.41 0.08 16.15
CA SER A 365 -4.11 -0.59 16.29
C SER A 365 -4.22 -2.14 16.44
N HIS A 366 -3.45 -2.85 15.63
CA HIS A 366 -3.40 -4.30 15.68
C HIS A 366 -1.97 -4.74 15.35
N PRO A 367 -1.60 -5.97 15.75
CA PRO A 367 -0.28 -6.47 15.34
C PRO A 367 -0.32 -6.95 13.88
N ILE A 368 0.83 -7.26 13.30
CA ILE A 368 0.81 -7.61 11.87
C ILE A 368 0.16 -8.98 11.70
N ARG A 369 0.04 -9.74 12.79
CA ARG A 369 -0.80 -10.95 12.80
C ARG A 369 -1.86 -10.81 13.88
N PRO A 370 -3.04 -10.31 13.52
CA PRO A 370 -4.13 -10.13 14.50
C PRO A 370 -4.63 -11.42 15.13
N GLU A 371 -5.28 -11.31 16.28
CA GLU A 371 -5.81 -12.44 17.02
C GLU A 371 -7.25 -12.76 16.61
N SER A 372 -7.90 -11.81 15.95
CA SER A 372 -9.29 -11.97 15.54
C SER A 372 -9.70 -11.05 14.38
N TYR A 373 -10.75 -11.44 13.67
CA TYR A 373 -11.41 -10.52 12.75
C TYR A 373 -12.88 -10.81 12.62
N VAL A 374 -13.61 -9.79 12.15
CA VAL A 374 -15.00 -9.94 11.76
C VAL A 374 -15.08 -9.84 10.26
N SER A 375 -14.42 -8.84 9.71
CA SER A 375 -14.49 -8.56 8.29
C SER A 375 -13.14 -8.76 7.63
N MET A 376 -13.02 -9.68 6.67
CA MET A 376 -11.73 -9.87 5.99
CA MET A 376 -11.72 -9.86 6.01
C MET A 376 -11.39 -8.70 5.08
N GLU A 377 -12.44 -8.08 4.53
CA GLU A 377 -12.26 -6.93 3.63
C GLU A 377 -11.65 -5.74 4.39
N ASN A 378 -11.63 -5.80 5.73
CA ASN A 378 -11.07 -4.73 6.57
C ASN A 378 -9.67 -5.04 7.10
N PHE A 379 -9.17 -6.23 6.76
CA PHE A 379 -7.92 -6.79 7.24
C PHE A 379 -6.67 -6.37 6.43
N TYR A 380 -6.89 -5.80 5.25
CA TYR A 380 -5.79 -5.52 4.35
C TYR A 380 -5.25 -4.12 4.65
N THR A 381 -4.44 -4.02 5.71
CA THR A 381 -4.10 -2.73 6.27
C THR A 381 -2.64 -2.35 6.05
N THR A 382 -2.34 -1.06 6.22
CA THR A 382 -0.96 -0.65 6.14
C THR A 382 -0.11 -1.33 7.24
N THR A 383 -0.74 -1.72 8.35
CA THR A 383 0.02 -2.42 9.36
C THR A 383 0.44 -3.78 8.78
N VAL A 384 -0.53 -4.54 8.27
CA VAL A 384 -0.19 -5.87 7.76
C VAL A 384 0.77 -5.83 6.57
N TYR A 385 0.58 -4.85 5.71
CA TYR A 385 1.44 -4.69 4.54
C TYR A 385 2.81 -4.02 4.82
N ASP A 386 2.77 -2.83 5.38
CA ASP A 386 3.99 -1.99 5.38
C ASP A 386 4.79 -2.19 6.65
N LYS A 387 4.10 -2.30 7.79
CA LYS A 387 4.87 -2.77 8.94
C LYS A 387 5.28 -4.21 8.73
N GLY A 388 4.41 -5.04 8.13
CA GLY A 388 4.82 -6.41 7.80
C GLY A 388 6.12 -6.44 6.97
N SER A 389 6.20 -5.56 5.98
CA SER A 389 7.38 -5.50 5.13
C SER A 389 8.63 -5.10 5.92
N GLU A 390 8.49 -4.15 6.86
CA GLU A 390 9.67 -3.74 7.66
C GLU A 390 10.09 -4.89 8.56
N VAL A 391 9.12 -5.67 9.04
CA VAL A 391 9.48 -6.83 9.88
C VAL A 391 10.18 -7.87 9.00
N MET A 392 9.71 -8.04 7.75
CA MET A 392 10.37 -9.01 6.86
C MET A 392 11.77 -8.50 6.50
N ARG A 393 11.88 -7.19 6.31
CA ARG A 393 13.18 -6.58 5.97
C ARG A 393 14.22 -6.63 7.13
N MET A 394 13.77 -6.55 8.36
CA MET A 394 14.69 -6.68 9.48
C MET A 394 15.44 -8.03 9.48
N TYR A 395 14.81 -9.11 8.98
CA TYR A 395 15.58 -10.36 8.89
C TYR A 395 16.83 -10.21 8.00
N LEU A 396 16.67 -9.44 6.92
CA LEU A 396 17.79 -9.21 5.99
C LEU A 396 18.88 -8.36 6.69
N THR A 397 18.45 -7.34 7.40
CA THR A 397 19.40 -6.50 8.14
C THR A 397 20.17 -7.33 9.17
N ILE A 398 19.47 -8.18 9.91
CA ILE A 398 20.09 -8.98 10.96
C ILE A 398 21.05 -10.04 10.38
N LEU A 399 20.63 -10.71 9.31
CA LEU A 399 21.38 -11.83 8.73
C LEU A 399 22.44 -11.39 7.72
N GLY A 400 22.24 -10.23 7.10
CA GLY A 400 23.06 -9.87 5.95
C GLY A 400 22.61 -10.67 4.73
N GLU A 401 23.00 -10.19 3.56
CA GLU A 401 22.50 -10.71 2.29
C GLU A 401 22.77 -12.20 2.07
N GLU A 402 23.95 -12.67 2.44
CA GLU A 402 24.30 -14.05 2.13
C GLU A 402 23.48 -15.05 2.97
N TYR A 403 23.42 -14.84 4.29
CA TYR A 403 22.61 -15.73 5.13
C TYR A 403 21.11 -15.44 4.97
N TYR A 404 20.73 -14.20 4.62
CA TYR A 404 19.30 -13.98 4.35
C TYR A 404 18.89 -14.85 3.13
N LYS A 405 19.70 -14.81 2.08
CA LYS A 405 19.39 -15.58 0.88
C LYS A 405 19.34 -17.07 1.17
N LYS A 406 20.25 -17.54 2.03
CA LYS A 406 20.24 -18.93 2.48
C LYS A 406 18.97 -19.29 3.26
N GLY A 407 18.61 -18.43 4.22
CA GLY A 407 17.37 -18.64 4.95
C GLY A 407 16.11 -18.58 4.09
N PHE A 408 16.06 -17.67 3.12
CA PHE A 408 14.88 -17.52 2.25
C PHE A 408 14.70 -18.78 1.39
N ASP A 409 15.81 -19.27 0.85
CA ASP A 409 15.74 -20.49 0.05
C ASP A 409 15.30 -21.70 0.89
N ILE A 410 15.74 -21.76 2.16
CA ILE A 410 15.23 -22.80 3.05
C ILE A 410 13.72 -22.71 3.15
N TYR A 411 13.20 -21.48 3.33
CA TYR A 411 11.76 -21.31 3.43
C TYR A 411 11.06 -21.81 2.16
N ILE A 412 11.58 -21.42 0.99
CA ILE A 412 10.95 -21.81 -0.27
C ILE A 412 11.03 -23.32 -0.50
N LYS A 413 12.22 -23.89 -0.32
CA LYS A 413 12.40 -25.30 -0.61
C LYS A 413 11.56 -26.14 0.34
N LYS A 414 11.40 -25.69 1.59
CA LYS A 414 10.68 -26.50 2.56
C LYS A 414 9.15 -26.39 2.44
N ASN A 415 8.67 -25.30 1.86
CA ASN A 415 7.22 -25.04 1.86
C ASN A 415 6.59 -24.93 0.47
N ASP A 416 7.40 -25.12 -0.57
CA ASP A 416 6.89 -25.04 -1.93
C ASP A 416 5.74 -26.04 -2.13
N GLY A 417 4.64 -25.57 -2.70
CA GLY A 417 3.50 -26.46 -2.97
C GLY A 417 2.53 -26.63 -1.80
N ASN A 418 2.79 -25.91 -0.71
CA ASN A 418 2.01 -26.08 0.52
C ASN A 418 1.52 -24.76 1.14
N THR A 419 0.65 -24.88 2.14
CA THR A 419 0.25 -23.77 3.00
C THR A 419 1.36 -23.53 4.04
N ALA A 420 1.42 -22.34 4.62
CA ALA A 420 2.43 -22.05 5.65
C ALA A 420 1.92 -21.01 6.64
N THR A 421 2.66 -20.83 7.73
CA THR A 421 2.32 -19.86 8.76
C THR A 421 3.53 -18.96 9.06
N CYS A 422 3.32 -17.92 9.85
CA CYS A 422 4.44 -17.03 10.17
C CYS A 422 5.59 -17.76 10.83
N GLU A 423 5.27 -18.71 11.70
CA GLU A 423 6.28 -19.53 12.36
C GLU A 423 7.21 -20.27 11.37
N ASP A 424 6.65 -20.79 10.27
CA ASP A 424 7.46 -21.43 9.24
C ASP A 424 8.55 -20.48 8.71
N PHE A 425 8.18 -19.23 8.47
CA PHE A 425 9.18 -18.29 8.00
C PHE A 425 10.20 -17.99 9.08
N ASN A 426 9.76 -17.76 10.32
CA ASN A 426 10.69 -17.44 11.39
C ASN A 426 11.64 -18.61 11.57
N TYR A 427 11.13 -19.84 11.45
CA TYR A 427 11.97 -21.04 11.58
C TYR A 427 13.08 -21.08 10.53
N ALA A 428 12.76 -20.76 9.29
CA ALA A 428 13.76 -20.73 8.21
C ALA A 428 14.83 -19.69 8.46
N MET A 429 14.40 -18.53 8.95
CA MET A 429 15.34 -17.47 9.27
C MET A 429 16.19 -17.88 10.44
N GLU A 430 15.60 -18.60 11.38
CA GLU A 430 16.34 -19.01 12.56
C GLU A 430 17.48 -19.96 12.18
N GLN A 431 17.24 -20.83 11.21
CA GLN A 431 18.28 -21.77 10.79
C GLN A 431 19.46 -21.00 10.23
N ALA A 432 19.18 -19.98 9.43
CA ALA A 432 20.26 -19.13 8.93
C ALA A 432 20.94 -18.36 10.08
N TYR A 433 20.19 -17.97 11.08
CA TYR A 433 20.77 -17.24 12.21
C TYR A 433 21.79 -18.13 12.93
N LYS A 434 21.41 -19.39 13.18
CA LYS A 434 22.31 -20.37 13.79
C LYS A 434 23.62 -20.49 13.01
N MET A 435 23.52 -20.53 11.68
CA MET A 435 24.69 -20.65 10.82
C MET A 435 25.55 -19.41 10.89
N LYS A 436 24.90 -18.25 10.82
CA LYS A 436 25.59 -16.97 10.90
C LYS A 436 26.30 -16.80 12.25
N LYS A 437 25.66 -17.23 13.33
CA LYS A 437 26.22 -17.04 14.66
C LYS A 437 27.19 -18.15 15.04
N ALA A 438 27.32 -19.14 14.15
CA ALA A 438 28.10 -20.34 14.46
C ALA A 438 27.70 -20.88 15.84
N ASP A 439 26.41 -21.05 16.04
CA ASP A 439 25.91 -21.34 17.37
C ASP A 439 24.53 -21.95 17.26
N ASN A 440 24.45 -23.27 17.39
CA ASN A 440 23.19 -23.96 17.21
C ASN A 440 22.23 -23.75 18.38
N SER A 441 22.68 -23.04 19.40
CA SER A 441 21.81 -22.67 20.51
C SER A 441 21.18 -21.29 20.28
N ALA A 442 21.63 -20.59 19.25
CA ALA A 442 21.06 -19.26 18.96
C ALA A 442 19.62 -19.44 18.48
N ASN A 443 18.76 -18.48 18.81
CA ASN A 443 17.38 -18.58 18.35
C ASN A 443 16.73 -17.23 18.15
N LEU A 444 15.59 -17.27 17.49
CA LEU A 444 14.82 -16.06 17.19
C LEU A 444 13.43 -16.15 17.79
N ASN A 445 13.31 -16.84 18.91
CA ASN A 445 12.04 -16.94 19.62
CA ASN A 445 12.03 -16.94 19.60
C ASN A 445 11.51 -15.54 19.95
N GLN A 446 12.40 -14.65 20.39
CA GLN A 446 11.97 -13.28 20.74
C GLN A 446 11.47 -12.53 19.51
N TYR A 447 12.02 -12.87 18.34
CA TYR A 447 11.62 -12.19 17.13
C TYR A 447 10.12 -12.34 16.87
N LEU A 448 9.51 -13.43 17.34
CA LEU A 448 8.09 -13.65 17.10
C LEU A 448 7.20 -12.58 17.69
N LEU A 449 7.69 -11.85 18.68
CA LEU A 449 6.89 -10.77 19.21
C LEU A 449 6.57 -9.68 18.17
N TRP A 450 7.41 -9.52 17.14
CA TRP A 450 7.08 -8.59 16.06
C TRP A 450 5.77 -8.93 15.36
N PHE A 451 5.35 -10.19 15.43
CA PHE A 451 4.10 -10.63 14.78
C PHE A 451 2.90 -10.42 15.67
N SER A 452 3.11 -10.46 16.99
CA SER A 452 1.99 -10.51 17.95
C SER A 452 1.76 -9.21 18.71
N GLN A 453 2.81 -8.39 18.84
CA GLN A 453 2.72 -7.21 19.68
C GLN A 453 2.37 -5.97 18.84
N SER A 454 1.30 -5.27 19.20
CA SER A 454 0.88 -4.08 18.45
C SER A 454 1.60 -2.85 19.00
N GLY A 455 1.52 -1.73 18.26
CA GLY A 455 2.10 -0.47 18.73
C GLY A 455 3.53 -0.29 18.20
N THR A 456 3.96 0.96 18.14
CA THR A 456 5.28 1.35 17.66
C THR A 456 6.25 1.51 18.83
N PRO A 457 7.37 0.76 18.81
CA PRO A 457 8.36 0.99 19.85
C PRO A 457 8.96 2.37 19.74
N HIS A 458 9.32 2.93 20.88
CA HIS A 458 10.11 4.15 20.99
C HIS A 458 11.51 3.76 21.44
N VAL A 459 12.52 4.15 20.69
CA VAL A 459 13.90 3.87 21.06
C VAL A 459 14.62 5.19 21.29
N SER A 460 15.24 5.31 22.46
CA SER A 460 15.89 6.56 22.82
C SER A 460 17.34 6.30 23.22
N PHE A 461 18.15 7.36 23.25
CA PHE A 461 19.61 7.24 23.38
C PHE A 461 20.21 8.21 24.36
N LYS A 462 21.29 7.77 25.02
CA LYS A 462 22.17 8.71 25.72
C LYS A 462 23.62 8.33 25.39
N TYR A 463 24.54 9.29 25.47
CA TYR A 463 25.90 9.05 25.01
C TYR A 463 26.93 9.42 26.05
N ASN A 464 28.10 8.81 25.96
CA ASN A 464 29.19 9.21 26.80
C ASN A 464 30.47 9.00 26.05
N TYR A 465 31.35 9.99 26.08
CA TYR A 465 32.68 9.86 25.51
C TYR A 465 33.76 10.22 26.54
N ASP A 466 34.74 9.33 26.68
CA ASP A 466 35.91 9.60 27.51
C ASP A 466 37.13 9.86 26.64
N ALA A 467 37.61 11.11 26.62
CA ALA A 467 38.60 11.53 25.64
C ALA A 467 39.95 10.88 25.93
N GLU A 468 40.26 10.65 27.20
CA GLU A 468 41.53 10.04 27.59
C GLU A 468 41.51 8.54 27.26
N LYS A 469 40.37 7.90 27.47
CA LYS A 469 40.24 6.47 27.20
C LYS A 469 39.98 6.15 25.72
N LYS A 470 39.62 7.15 24.93
CA LYS A 470 39.19 6.94 23.55
C LYS A 470 38.05 5.93 23.50
N GLN A 471 37.10 6.09 24.43
CA GLN A 471 36.03 5.11 24.62
C GLN A 471 34.65 5.78 24.53
N TYR A 472 33.78 5.23 23.69
CA TYR A 472 32.50 5.84 23.38
C TYR A 472 31.40 4.87 23.76
N SER A 473 30.32 5.39 24.35
CA SER A 473 29.20 4.53 24.76
C SER A 473 27.90 5.08 24.22
N ILE A 474 27.07 4.17 23.72
CA ILE A 474 25.72 4.48 23.33
C ILE A 474 24.77 3.73 24.25
N HIS A 475 24.03 4.45 25.10
CA HIS A 475 23.04 3.77 25.96
CA HIS A 475 23.03 3.83 25.98
C HIS A 475 21.69 3.88 25.28
N VAL A 476 21.04 2.72 25.12
CA VAL A 476 19.80 2.64 24.38
C VAL A 476 18.66 2.10 25.24
N ASN A 477 17.46 2.64 25.04
CA ASN A 477 16.28 2.19 25.78
C ASN A 477 15.17 1.97 24.75
N GLN A 478 14.34 0.96 24.96
CA GLN A 478 13.16 0.75 24.14
C GLN A 478 11.91 0.70 25.03
N TYR A 479 10.79 1.14 24.46
CA TYR A 479 9.54 1.23 25.21
C TYR A 479 8.39 1.19 24.24
N THR A 480 7.40 0.33 24.46
CA THR A 480 6.17 0.38 23.67
C THR A 480 5.00 0.73 24.60
N LYS A 481 4.15 1.68 24.23
CA LYS A 481 3.06 2.07 25.13
C LYS A 481 2.03 0.98 25.18
N PRO A 482 1.56 0.66 26.40
CA PRO A 482 0.44 -0.30 26.54
C PRO A 482 -0.76 0.16 25.71
N ASP A 483 -1.55 -0.77 25.17
CA ASP A 483 -2.74 -0.39 24.40
C ASP A 483 -3.83 -1.43 24.66
N GLU A 484 -4.82 -1.57 23.77
CA GLU A 484 -5.93 -2.48 24.12
C GLU A 484 -5.57 -3.93 23.84
N ASN A 485 -4.45 -4.17 23.14
CA ASN A 485 -4.03 -5.51 22.76
C ASN A 485 -3.09 -6.17 23.76
N GLN A 486 -2.18 -5.40 24.34
CA GLN A 486 -1.33 -5.89 25.44
C GLN A 486 -1.21 -4.81 26.51
N LYS A 487 -1.58 -5.16 27.75
CA LYS A 487 -1.37 -4.28 28.90
C LYS A 487 0.10 -4.17 29.27
N GLU A 488 0.84 -5.25 29.12
CA GLU A 488 2.28 -5.21 29.35
C GLU A 488 2.98 -5.50 28.02
N LYS A 489 3.86 -4.61 27.60
CA LYS A 489 4.55 -4.80 26.34
C LYS A 489 5.92 -5.41 26.64
N LYS A 490 6.43 -6.29 25.79
CA LYS A 490 7.72 -6.92 26.07
C LYS A 490 8.77 -6.27 25.20
N PRO A 491 10.05 -6.30 25.60
CA PRO A 491 11.10 -5.78 24.70
C PRO A 491 11.22 -6.60 23.42
N LEU A 492 11.43 -5.93 22.28
CA LEU A 492 11.59 -6.59 20.99
C LEU A 492 13.07 -6.81 20.63
N PHE A 493 13.32 -7.70 19.66
CA PHE A 493 14.63 -7.86 19.07
C PHE A 493 14.74 -6.70 18.04
N ILE A 494 15.47 -5.65 18.39
CA ILE A 494 15.60 -4.46 17.54
C ILE A 494 17.01 -4.35 16.98
N PRO A 495 17.16 -4.49 15.65
CA PRO A 495 18.49 -4.28 15.04
C PRO A 495 18.71 -2.80 14.74
N ILE A 496 19.82 -2.24 15.24
CA ILE A 496 20.13 -0.84 15.05
C ILE A 496 21.40 -0.69 14.24
N SER A 497 21.22 -0.42 12.96
CA SER A 497 22.34 -0.18 12.06
CA SER A 497 22.34 -0.18 12.05
C SER A 497 22.94 1.17 12.38
N VAL A 498 24.23 1.18 12.72
CA VAL A 498 24.89 2.43 13.18
C VAL A 498 26.21 2.70 12.45
N GLY A 499 26.52 3.98 12.33
CA GLY A 499 27.87 4.42 12.01
C GLY A 499 28.27 5.45 13.04
N LEU A 500 29.54 5.80 13.06
CA LEU A 500 30.04 6.89 13.92
C LEU A 500 30.79 7.87 13.02
N ILE A 501 30.32 9.11 12.96
CA ILE A 501 30.89 10.11 12.05
C ILE A 501 31.85 11.00 12.81
N ASN A 502 33.08 11.16 12.28
CA ASN A 502 34.07 12.11 12.81
C ASN A 502 33.61 13.53 12.47
N PRO A 503 33.29 14.34 13.47
CA PRO A 503 32.71 15.64 13.09
C PRO A 503 33.74 16.60 12.48
N GLU A 504 35.03 16.29 12.56
CA GLU A 504 36.03 17.18 11.98
C GLU A 504 36.20 16.99 10.48
N ASN A 505 36.05 15.76 9.98
CA ASN A 505 36.28 15.51 8.56
C ASN A 505 35.15 14.76 7.88
N GLY A 506 34.11 14.40 8.66
CA GLY A 506 32.94 13.72 8.13
C GLY A 506 33.14 12.26 7.81
N LYS A 507 34.26 11.69 8.20
CA LYS A 507 34.56 10.31 7.78
C LYS A 507 33.95 9.26 8.75
N GLU A 508 33.78 8.05 8.24
CA GLU A 508 33.33 6.90 9.03
C GLU A 508 34.38 6.49 10.05
N MET A 509 33.98 6.28 11.30
CA MET A 509 35.00 5.91 12.27
C MET A 509 35.00 4.44 12.60
N ILE A 510 33.96 3.71 12.20
CA ILE A 510 33.92 2.28 12.42
C ILE A 510 33.35 1.59 11.18
N SER A 511 33.59 0.28 11.07
CA SER A 511 32.99 -0.50 10.00
C SER A 511 31.50 -0.67 10.24
N GLN A 512 30.81 -1.17 9.22
CA GLN A 512 29.38 -1.45 9.29
C GLN A 512 29.06 -2.26 10.52
N THR A 513 28.10 -1.79 11.30
CA THR A 513 27.79 -2.36 12.60
C THR A 513 26.30 -2.35 12.82
N THR A 514 25.74 -3.50 13.17
CA THR A 514 24.31 -3.59 13.51
C THR A 514 24.22 -4.03 14.96
N LEU A 515 23.85 -3.09 15.83
CA LEU A 515 23.61 -3.41 17.24
C LEU A 515 22.38 -4.26 17.41
N GLU A 516 22.47 -5.34 18.18
CA GLU A 516 21.28 -6.15 18.42
C GLU A 516 20.71 -5.82 19.80
N LEU A 517 19.71 -4.95 19.84
CA LEU A 517 19.10 -4.61 21.13
C LEU A 517 18.01 -5.65 21.44
N THR A 518 18.19 -6.41 22.51
CA THR A 518 17.19 -7.43 22.85
C THR A 518 16.61 -7.24 24.24
N LYS A 519 17.10 -6.26 24.99
CA LYS A 519 16.56 -5.99 26.31
C LYS A 519 15.84 -4.65 26.35
N GLU A 520 15.22 -4.33 27.48
CA GLU A 520 14.58 -3.05 27.67
C GLU A 520 15.61 -1.94 27.48
N SER A 521 16.84 -2.21 27.95
CA SER A 521 17.92 -1.23 27.72
C SER A 521 19.27 -1.93 27.63
N ASP A 522 20.21 -1.29 26.96
CA ASP A 522 21.55 -1.84 26.90
C ASP A 522 22.55 -0.71 26.68
N THR A 523 23.80 -0.95 27.03
CA THR A 523 24.85 0.00 26.73
C THR A 523 25.87 -0.66 25.79
N PHE A 524 26.11 -0.03 24.63
CA PHE A 524 27.09 -0.48 23.64
C PHE A 524 28.35 0.39 23.69
N VAL A 525 29.49 -0.23 23.93
CA VAL A 525 30.74 0.51 24.14
C VAL A 525 31.69 0.27 22.97
N PHE A 526 32.41 1.32 22.57
CA PHE A 526 33.35 1.22 21.46
C PHE A 526 34.68 1.75 21.92
N ASN A 527 35.72 0.95 21.77
CA ASN A 527 37.07 1.41 22.12
C ASN A 527 37.80 1.99 20.93
N ASN A 528 38.93 2.62 21.20
CA ASN A 528 39.77 3.21 20.17
C ASN A 528 38.97 4.13 19.26
N ILE A 529 38.20 5.01 19.90
CA ILE A 529 37.44 6.04 19.21
C ILE A 529 38.17 7.35 19.48
N ALA A 530 38.83 7.86 18.44
CA ALA A 530 39.88 8.84 18.63
C ALA A 530 39.37 10.20 19.03
N VAL A 531 38.13 10.48 18.68
CA VAL A 531 37.57 11.78 18.92
C VAL A 531 36.08 11.55 19.18
N LYS A 532 35.42 12.49 19.85
CA LYS A 532 33.98 12.30 20.14
C LYS A 532 33.16 12.32 18.85
N PRO A 533 32.45 11.23 18.56
CA PRO A 533 31.75 11.14 17.28
C PRO A 533 30.35 11.74 17.31
N ILE A 534 29.76 11.87 16.14
CA ILE A 534 28.31 12.02 16.05
C ILE A 534 27.76 10.68 15.56
N PRO A 535 26.84 10.09 16.33
CA PRO A 535 26.31 8.79 15.94
C PRO A 535 25.27 8.94 14.80
N SER A 536 25.35 8.00 13.89
CA SER A 536 24.46 7.88 12.75
C SER A 536 23.61 6.65 13.04
N LEU A 537 22.38 6.86 13.51
CA LEU A 537 21.60 5.80 14.10
C LEU A 537 20.44 5.31 13.24
N PHE A 538 20.22 3.98 13.24
CA PHE A 538 19.16 3.34 12.45
C PHE A 538 19.32 3.62 10.94
N ARG A 539 20.55 3.47 10.44
CA ARG A 539 20.81 3.69 9.03
C ARG A 539 19.90 2.82 8.19
N GLY A 540 19.38 3.39 7.12
CA GLY A 540 18.46 2.69 6.24
C GLY A 540 17.06 2.54 6.85
N PHE A 541 16.84 3.20 8.00
CA PHE A 541 15.65 2.99 8.88
C PHE A 541 15.57 1.51 9.26
N SER A 542 16.47 1.06 10.14
CA SER A 542 16.71 -0.36 10.30
C SER A 542 15.70 -1.08 11.18
N ALA A 543 14.78 -0.33 11.78
CA ALA A 543 13.65 -0.93 12.48
C ALA A 543 12.47 0.03 12.49
N PRO A 544 11.25 -0.50 12.55
CA PRO A 544 10.07 0.39 12.47
C PRO A 544 9.69 0.94 13.84
N VAL A 545 10.36 2.02 14.21
CA VAL A 545 10.26 2.55 15.55
C VAL A 545 10.27 4.09 15.50
N TYR A 546 9.82 4.70 16.59
CA TYR A 546 10.05 6.12 16.84
C TYR A 546 11.51 6.29 17.32
N ILE A 547 12.32 7.04 16.57
CA ILE A 547 13.72 7.26 16.94
C ILE A 547 13.83 8.57 17.74
N GLU A 548 14.38 8.54 18.96
CA GLU A 548 14.60 9.78 19.70
C GLU A 548 16.12 9.89 19.84
N ASP A 549 16.76 10.64 18.94
CA ASP A 549 18.22 10.55 18.80
C ASP A 549 18.96 11.38 19.86
N GLN A 550 18.22 12.26 20.52
CA GLN A 550 18.80 13.12 21.57
C GLN A 550 20.04 13.89 21.10
N LEU A 551 20.08 14.23 19.82
CA LEU A 551 21.18 15.02 19.28
C LEU A 551 20.80 16.51 19.29
N THR A 552 21.81 17.37 19.36
CA THR A 552 21.55 18.79 19.20
C THR A 552 21.25 19.10 17.73
N ASP A 553 20.68 20.28 17.49
CA ASP A 553 20.46 20.65 16.10
C ASP A 553 21.80 20.83 15.37
N GLU A 554 22.85 21.30 16.08
CA GLU A 554 24.19 21.37 15.47
C GLU A 554 24.67 19.99 15.02
N GLU A 555 24.48 18.98 15.85
CA GLU A 555 24.87 17.63 15.48
C GLU A 555 24.06 17.12 14.30
N ARG A 556 22.76 17.42 14.31
CA ARG A 556 21.87 16.93 13.24
C ARG A 556 22.24 17.59 11.92
N ILE A 557 22.56 18.88 11.98
CA ILE A 557 23.00 19.58 10.78
C ILE A 557 24.26 18.95 10.19
N LEU A 558 25.20 18.58 11.06
CA LEU A 558 26.43 17.97 10.58
C LEU A 558 26.12 16.65 9.85
N LEU A 559 25.18 15.90 10.39
CA LEU A 559 24.81 14.61 9.78
C LEU A 559 24.12 14.89 8.45
N LEU A 560 23.23 15.87 8.46
CA LEU A 560 22.50 16.22 7.22
C LEU A 560 23.50 16.57 6.12
N LYS A 561 24.56 17.27 6.48
CA LYS A 561 25.54 17.64 5.46
C LYS A 561 26.50 16.52 5.08
N TYR A 562 26.97 15.76 6.07
CA TYR A 562 28.15 14.91 5.86
C TYR A 562 27.99 13.39 6.07
N ASP A 563 26.88 12.95 6.62
CA ASP A 563 26.69 11.52 6.89
C ASP A 563 26.60 10.78 5.53
N SER A 564 26.95 9.50 5.53
CA SER A 564 26.88 8.67 4.34
C SER A 564 25.50 8.07 4.10
N ASP A 565 24.68 7.97 5.15
CA ASP A 565 23.40 7.27 5.01
C ASP A 565 22.24 8.21 4.67
N ALA A 566 21.56 7.97 3.54
CA ALA A 566 20.44 8.84 3.11
C ALA A 566 19.35 8.96 4.15
N PHE A 567 18.94 7.83 4.74
CA PHE A 567 17.88 7.94 5.71
C PHE A 567 18.29 8.80 6.94
N VAL A 568 19.47 8.57 7.49
CA VAL A 568 19.84 9.39 8.68
C VAL A 568 19.94 10.87 8.34
N ARG A 569 20.38 11.19 7.12
CA ARG A 569 20.46 12.62 6.72
C ARG A 569 19.03 13.19 6.69
N TYR A 570 18.13 12.45 6.04
CA TYR A 570 16.71 12.83 5.94
C TYR A 570 16.03 12.85 7.33
N ASN A 571 16.37 11.91 8.19
CA ASN A 571 15.79 11.86 9.52
C ASN A 571 16.32 12.98 10.39
N SER A 572 17.58 13.30 10.21
CA SER A 572 18.17 14.40 10.96
C SER A 572 17.47 15.71 10.62
N CYS A 573 17.27 15.95 9.32
CA CYS A 573 16.45 17.08 8.85
C CYS A 573 15.02 17.04 9.40
N THR A 574 14.40 15.86 9.32
CA THR A 574 13.06 15.68 9.90
C THR A 574 13.02 16.11 11.39
N ASN A 575 14.05 15.71 12.16
CA ASN A 575 14.05 15.97 13.61
C ASN A 575 14.22 17.46 13.91
N ILE A 576 15.05 18.13 13.12
CA ILE A 576 15.21 19.59 13.23
C ILE A 576 13.86 20.28 12.96
N TYR A 577 13.19 19.88 11.89
CA TYR A 577 11.85 20.40 11.61
C TYR A 577 10.86 20.16 12.73
N MET A 578 10.83 18.93 13.25
CA MET A 578 9.89 18.61 14.33
C MET A 578 10.13 19.41 15.59
N LYS A 579 11.39 19.58 15.98
CA LYS A 579 11.66 20.44 17.13
C LYS A 579 11.13 21.88 16.94
N GLN A 580 11.33 22.42 15.74
CA GLN A 580 10.81 23.75 15.41
C GLN A 580 9.28 23.79 15.42
N ILE A 581 8.66 22.82 14.73
CA ILE A 581 7.19 22.72 14.68
C ILE A 581 6.57 22.64 16.08
N LEU A 582 7.10 21.80 16.94
CA LEU A 582 6.53 21.65 18.26
C LEU A 582 6.66 22.96 19.06
N MET A 583 7.80 23.63 18.88
CA MET A 583 8.07 24.88 19.60
CA MET A 583 8.04 24.88 19.61
C MET A 583 7.10 25.99 19.13
N ASN A 584 7.05 26.20 17.82
CA ASN A 584 6.15 27.22 17.28
C ASN A 584 4.68 26.88 17.51
N TYR A 585 4.33 25.61 17.41
CA TYR A 585 2.95 25.18 17.66
C TYR A 585 2.54 25.65 19.04
N ASN A 586 3.37 25.41 20.04
CA ASN A 586 2.92 25.77 21.36
CA ASN A 586 3.00 25.75 21.39
C ASN A 586 2.97 27.26 21.63
N GLU A 587 3.83 27.99 20.94
CA GLU A 587 3.82 29.46 21.07
C GLU A 587 2.52 30.01 20.48
N PHE A 588 2.13 29.50 19.31
CA PHE A 588 0.85 29.88 18.69
C PHE A 588 -0.35 29.46 19.54
N LEU A 589 -0.29 28.25 20.10
CA LEU A 589 -1.40 27.73 20.90
C LEU A 589 -1.65 28.62 22.13
N LYS A 590 -0.56 28.92 22.80
CA LYS A 590 -0.58 29.79 23.97
C LYS A 590 -1.17 31.17 23.66
N ALA A 591 -0.79 31.73 22.51
CA ALA A 591 -1.31 33.05 22.11
C ALA A 591 -2.80 33.01 21.91
N LYS A 592 -3.26 31.94 21.25
CA LYS A 592 -4.66 31.64 21.05
C LYS A 592 -5.40 31.46 22.37
N ASN A 593 -4.87 30.61 23.23
CA ASN A 593 -5.54 30.29 24.50
C ASN A 593 -5.61 31.50 25.41
N GLU A 594 -4.55 32.29 25.42
CA GLU A 594 -4.48 33.40 26.33
C GLU A 594 -5.01 34.68 25.70
N LYS A 595 -5.44 34.59 24.43
CA LYS A 595 -5.96 35.76 23.71
C LYS A 595 -4.97 36.92 23.74
N LEU A 596 -3.72 36.61 23.42
CA LEU A 596 -2.66 37.60 23.53
C LEU A 596 -2.77 38.65 22.42
N GLU A 597 -2.47 39.89 22.78
CA GLU A 597 -2.45 40.97 21.79
C GLU A 597 -1.12 40.99 21.04
N SER A 598 -0.08 40.43 21.66
CA SER A 598 1.23 40.32 21.05
C SER A 598 1.96 39.18 21.70
N PHE A 599 2.94 38.64 20.99
CA PHE A 599 3.71 37.55 21.52
C PHE A 599 4.90 37.32 20.61
N GLN A 600 5.79 36.41 21.00
CA GLN A 600 6.96 36.12 20.18
C GLN A 600 6.96 34.69 19.62
N LEU A 601 7.57 34.53 18.45
CA LEU A 601 7.76 33.22 17.86
C LEU A 601 9.25 32.93 17.77
N THR A 602 9.68 31.71 18.11
CA THR A 602 11.11 31.39 17.92
C THR A 602 11.46 31.14 16.46
N PRO A 603 12.42 31.89 15.92
CA PRO A 603 12.75 31.73 14.50
C PRO A 603 13.39 30.38 14.17
N VAL A 604 13.36 30.02 12.89
CA VAL A 604 14.03 28.83 12.40
C VAL A 604 15.54 28.99 12.55
N ASN A 605 16.20 27.91 12.96
CA ASN A 605 17.67 27.91 13.17
C ASN A 605 18.36 28.37 11.89
N ALA A 606 19.14 29.45 11.98
CA ALA A 606 19.74 30.00 10.77
C ALA A 606 20.82 29.09 10.18
N GLN A 607 21.49 28.31 11.03
CA GLN A 607 22.51 27.37 10.51
C GLN A 607 21.84 26.23 9.79
N PHE A 608 20.64 25.86 10.22
CA PHE A 608 19.85 24.87 9.48
C PHE A 608 19.52 25.40 8.08
N ILE A 609 19.03 26.64 8.02
CA ILE A 609 18.68 27.21 6.71
C ILE A 609 19.94 27.25 5.83
N ASP A 610 21.09 27.55 6.43
CA ASP A 610 22.36 27.59 5.73
C ASP A 610 22.69 26.21 5.16
N ALA A 611 22.37 25.17 5.92
CA ALA A 611 22.67 23.80 5.48
C ALA A 611 21.77 23.39 4.32
N ILE A 612 20.50 23.77 4.39
CA ILE A 612 19.63 23.53 3.25
C ILE A 612 20.17 24.23 2.00
N LYS A 613 20.61 25.48 2.13
CA LYS A 613 21.14 26.19 0.97
C LYS A 613 22.37 25.46 0.37
N TYR A 614 23.24 25.04 1.26
CA TYR A 614 24.46 24.34 0.90
C TYR A 614 24.16 23.08 0.08
N LEU A 615 23.21 22.30 0.56
CA LEU A 615 22.80 21.08 -0.14
C LEU A 615 22.12 21.41 -1.45
N LEU A 616 21.18 22.36 -1.44
CA LEU A 616 20.53 22.77 -2.69
C LEU A 616 21.54 23.22 -3.77
N GLU A 617 22.60 23.89 -3.35
CA GLU A 617 23.52 24.48 -4.30
C GLU A 617 24.60 23.49 -4.76
N ASP A 618 24.59 22.30 -4.19
CA ASP A 618 25.58 21.29 -4.53
C ASP A 618 25.14 20.52 -5.77
N PRO A 619 25.86 20.71 -6.89
CA PRO A 619 25.40 20.09 -8.14
C PRO A 619 25.57 18.57 -8.11
N HIS A 620 26.32 18.05 -7.16
CA HIS A 620 26.57 16.61 -7.09
C HIS A 620 25.55 15.90 -6.21
N ALA A 621 24.72 16.68 -5.54
CA ALA A 621 23.67 16.15 -4.68
C ALA A 621 22.40 15.76 -5.45
N ASP A 622 21.61 14.89 -4.87
CA ASP A 622 20.49 14.24 -5.56
C ASP A 622 19.21 15.12 -5.55
N ALA A 623 18.60 15.31 -6.72
CA ALA A 623 17.41 16.16 -6.85
C ALA A 623 16.23 15.67 -6.01
N GLY A 624 16.00 14.35 -5.98
CA GLY A 624 14.95 13.79 -5.14
C GLY A 624 15.14 14.09 -3.64
N PHE A 625 16.35 13.86 -3.17
CA PHE A 625 16.69 14.15 -1.79
C PHE A 625 16.46 15.65 -1.49
N LYS A 626 16.89 16.52 -2.41
CA LYS A 626 16.69 17.95 -2.25
C LYS A 626 15.21 18.29 -2.04
N SER A 627 14.33 17.61 -2.76
CA SER A 627 12.89 17.89 -2.65
CA SER A 627 12.90 17.90 -2.66
C SER A 627 12.37 17.52 -1.27
N TYR A 628 12.96 16.51 -0.63
CA TYR A 628 12.55 16.16 0.72
C TYR A 628 13.00 17.19 1.73
N ILE A 629 14.23 17.70 1.60
CA ILE A 629 14.72 18.62 2.67
C ILE A 629 14.01 19.99 2.68
N VAL A 630 13.41 20.41 1.57
CA VAL A 630 12.66 21.68 1.56
C VAL A 630 11.17 21.49 1.89
N SER A 631 10.79 20.24 2.17
CA SER A 631 9.40 19.94 2.54
C SER A 631 9.28 19.66 4.03
N LEU A 632 8.31 20.27 4.70
CA LEU A 632 8.10 19.93 6.11
C LEU A 632 7.53 18.49 6.22
N PRO A 633 7.70 17.88 7.39
CA PRO A 633 7.14 16.55 7.66
C PRO A 633 5.65 16.55 7.40
N GLN A 634 5.16 15.43 6.87
CA GLN A 634 3.73 15.21 6.65
C GLN A 634 2.90 15.54 7.86
N ASP A 635 1.71 16.09 7.63
CA ASP A 635 0.79 16.33 8.74
C ASP A 635 0.52 15.07 9.54
N ARG A 636 0.35 13.93 8.86
CA ARG A 636 0.04 12.70 9.59
C ARG A 636 1.23 12.11 10.35
N TYR A 637 2.44 12.55 10.02
CA TYR A 637 3.60 12.27 10.84
C TYR A 637 3.63 13.19 12.08
N ILE A 638 3.41 14.48 11.87
CA ILE A 638 3.41 15.49 12.95
C ILE A 638 2.40 15.15 14.03
N ILE A 639 1.23 14.64 13.64
CA ILE A 639 0.13 14.47 14.62
C ILE A 639 0.48 13.38 15.65
N ASN A 640 1.41 12.48 15.33
CA ASN A 640 1.82 11.51 16.34
C ASN A 640 2.55 12.14 17.53
N PHE A 641 2.92 13.42 17.41
CA PHE A 641 3.72 14.05 18.46
C PHE A 641 2.97 15.13 19.24
N VAL A 642 1.71 15.35 18.90
CA VAL A 642 0.94 16.44 19.52
C VAL A 642 -0.38 15.93 20.05
N SER A 643 -0.71 16.19 21.31
CA SER A 643 -2.02 15.83 21.86
C SER A 643 -3.03 16.92 21.55
N ASN A 644 -4.27 16.58 21.35
CA ASN A 644 -5.31 17.56 21.16
C ASN A 644 -4.94 18.58 20.10
N LEU A 645 -4.43 18.06 19.01
CA LEU A 645 -4.00 18.89 17.94
C LEU A 645 -5.05 19.81 17.33
N ASP A 646 -4.78 21.12 17.41
CA ASP A 646 -5.60 22.15 16.81
C ASP A 646 -5.07 22.33 15.39
N THR A 647 -5.82 21.87 14.42
CA THR A 647 -5.31 21.88 13.04
C THR A 647 -5.09 23.30 12.51
N ASP A 648 -5.83 24.30 13.01
CA ASP A 648 -5.61 25.68 12.59
C ASP A 648 -4.28 26.19 13.07
N VAL A 649 -3.95 25.83 14.29
CA VAL A 649 -2.71 26.29 14.89
C VAL A 649 -1.55 25.56 14.18
N LEU A 650 -1.75 24.30 13.82
CA LEU A 650 -0.71 23.63 13.04
C LEU A 650 -0.53 24.29 11.66
N ALA A 651 -1.64 24.61 11.01
CA ALA A 651 -1.59 25.31 9.73
C ALA A 651 -0.81 26.63 9.87
N ASP A 652 -1.08 27.40 10.93
CA ASP A 652 -0.33 28.63 11.17
C ASP A 652 1.16 28.37 11.42
N THR A 653 1.45 27.29 12.13
CA THR A 653 2.83 26.91 12.42
C THR A 653 3.60 26.58 11.14
N LYS A 654 3.02 25.73 10.30
CA LYS A 654 3.69 25.38 9.08
C LYS A 654 3.91 26.59 8.22
N GLU A 655 2.88 27.41 8.13
CA GLU A 655 2.98 28.63 7.35
C GLU A 655 4.12 29.56 7.78
N TYR A 656 4.23 29.78 9.10
CA TYR A 656 5.36 30.53 9.66
C TYR A 656 6.71 29.95 9.27
N ILE A 657 6.87 28.64 9.43
CA ILE A 657 8.16 28.03 9.17
C ILE A 657 8.52 28.09 7.68
N TYR A 658 7.58 27.74 6.80
CA TYR A 658 7.81 27.90 5.35
C TYR A 658 8.19 29.33 4.98
N LYS A 659 7.55 30.31 5.62
CA LYS A 659 7.80 31.72 5.29
C LYS A 659 9.21 32.13 5.75
N GLN A 660 9.58 31.69 6.94
CA GLN A 660 10.94 31.90 7.48
C GLN A 660 12.02 31.43 6.53
N ILE A 661 11.87 30.20 6.06
CA ILE A 661 12.88 29.62 5.17
C ILE A 661 12.83 30.26 3.78
N GLY A 662 11.62 30.47 3.24
CA GLY A 662 11.52 31.13 1.94
C GLY A 662 12.04 32.55 1.96
N ASP A 663 11.86 33.25 3.08
CA ASP A 663 12.39 34.63 3.17
C ASP A 663 13.92 34.64 2.97
N LYS A 664 14.59 33.55 3.34
CA LYS A 664 16.03 33.45 3.10
C LYS A 664 16.39 32.79 1.77
N LEU A 665 15.59 31.79 1.36
CA LEU A 665 16.03 30.94 0.24
C LEU A 665 15.27 31.10 -1.08
N ASN A 666 14.27 31.98 -1.16
CA ASN A 666 13.46 32.00 -2.38
C ASN A 666 14.27 32.29 -3.65
N ASP A 667 15.28 33.15 -3.54
CA ASP A 667 16.08 33.46 -4.73
C ASP A 667 16.86 32.22 -5.19
N VAL A 668 17.37 31.48 -4.23
CA VAL A 668 17.98 30.16 -4.52
C VAL A 668 16.99 29.20 -5.18
N TYR A 669 15.78 29.10 -4.62
CA TYR A 669 14.73 28.25 -5.23
C TYR A 669 14.45 28.62 -6.69
N TYR A 670 14.34 29.91 -6.94
CA TYR A 670 14.02 30.38 -8.29
C TYR A 670 15.14 30.08 -9.26
N LYS A 671 16.35 30.38 -8.85
CA LYS A 671 17.54 30.09 -9.65
C LYS A 671 17.59 28.60 -10.03
N MET A 672 17.31 27.72 -9.06
CA MET A 672 17.33 26.29 -9.33
C MET A 672 16.18 25.89 -10.22
N PHE A 673 14.99 26.45 -9.97
CA PHE A 673 13.85 26.12 -10.80
C PHE A 673 14.21 26.39 -12.26
N LYS A 674 14.91 27.49 -12.52
CA LYS A 674 15.26 27.83 -13.88
C LYS A 674 16.41 26.96 -14.42
N SER A 675 17.39 26.66 -13.57
CA SER A 675 18.56 25.95 -14.08
C SER A 675 18.27 24.47 -14.31
N LEU A 676 17.24 23.94 -13.64
CA LEU A 676 16.93 22.52 -13.74
C LEU A 676 16.10 22.23 -14.99
N GLU A 677 15.57 23.27 -15.63
CA GLU A 677 14.59 23.07 -16.69
C GLU A 677 15.08 22.16 -17.81
N ALA A 678 16.27 22.46 -18.34
CA ALA A 678 16.80 21.74 -19.50
C ALA A 678 16.87 20.23 -19.26
N LYS A 679 17.48 19.79 -18.17
CA LYS A 679 17.54 18.35 -17.91
C LYS A 679 16.22 17.75 -17.45
N ALA A 680 15.48 18.49 -16.61
CA ALA A 680 14.25 17.94 -16.08
C ALA A 680 13.20 17.72 -17.16
N ASP A 681 13.13 18.60 -18.15
CA ASP A 681 12.00 18.53 -19.08
C ASP A 681 12.44 18.02 -20.45
N ASP A 682 13.66 17.48 -20.50
CA ASP A 682 14.23 16.94 -21.75
C ASP A 682 13.24 16.01 -22.47
N LEU A 683 13.02 16.26 -23.77
CA LEU A 683 12.00 15.51 -24.51
C LEU A 683 12.56 14.41 -25.42
N THR A 684 13.87 14.17 -25.37
CA THR A 684 14.55 13.24 -26.26
C THR A 684 13.82 11.90 -26.35
N TYR A 685 13.37 11.40 -25.19
CA TYR A 685 12.73 10.10 -25.12
C TYR A 685 11.23 10.14 -24.83
N PHE A 686 10.59 11.28 -25.08
CA PHE A 686 9.16 11.44 -24.81
C PHE A 686 8.32 10.42 -25.61
N ASN A 687 8.78 10.02 -26.80
CA ASN A 687 8.01 9.04 -27.57
C ASN A 687 8.53 7.61 -27.50
N ASP A 688 9.39 7.36 -26.53
CA ASP A 688 9.87 6.02 -26.26
C ASP A 688 9.30 5.58 -24.92
N GLU A 689 8.25 4.75 -24.98
CA GLU A 689 7.56 4.31 -23.79
C GLU A 689 8.33 3.29 -22.98
N SER A 690 9.51 2.87 -23.42
CA SER A 690 10.25 1.91 -22.62
C SER A 690 11.44 2.54 -21.91
N HIS A 691 11.67 3.81 -22.20
CA HIS A 691 12.79 4.56 -21.62
C HIS A 691 12.29 5.37 -20.42
N VAL A 692 12.67 4.96 -19.21
CA VAL A 692 12.17 5.64 -18.02
C VAL A 692 13.35 6.03 -17.14
N ASP A 693 13.41 7.31 -16.80
CA ASP A 693 14.57 7.89 -16.14
C ASP A 693 14.13 8.45 -14.79
N PHE A 694 14.39 7.70 -13.73
CA PHE A 694 13.90 8.06 -12.41
C PHE A 694 14.60 9.28 -11.86
N ASP A 695 15.86 9.49 -12.25
CA ASP A 695 16.58 10.70 -11.84
CA ASP A 695 16.53 10.71 -11.79
C ASP A 695 15.91 11.92 -12.48
N GLN A 696 15.62 11.82 -13.78
CA GLN A 696 14.96 12.93 -14.46
C GLN A 696 13.59 13.21 -13.84
N MET A 697 12.82 12.16 -13.52
CA MET A 697 11.54 12.38 -12.82
C MET A 697 11.75 13.06 -11.46
N ASN A 698 12.79 12.69 -10.74
CA ASN A 698 13.10 13.40 -9.47
C ASN A 698 13.45 14.89 -9.69
N MET A 699 14.10 15.21 -10.80
CA MET A 699 14.38 16.61 -11.11
C MET A 699 13.08 17.37 -11.33
N ARG A 700 12.13 16.73 -12.01
CA ARG A 700 10.81 17.35 -12.17
C ARG A 700 10.11 17.48 -10.81
N THR A 701 10.21 16.47 -9.95
CA THR A 701 9.63 16.58 -8.61
C THR A 701 10.20 17.80 -7.88
N LEU A 702 11.52 17.94 -7.94
CA LEU A 702 12.18 19.08 -7.29
C LEU A 702 11.69 20.42 -7.89
N ARG A 703 11.62 20.51 -9.21
CA ARG A 703 11.13 21.75 -9.83
C ARG A 703 9.70 22.07 -9.42
N ASN A 704 8.86 21.06 -9.46
CA ASN A 704 7.46 21.26 -9.09
C ASN A 704 7.31 21.57 -7.61
N THR A 705 8.21 21.05 -6.78
CA THR A 705 8.21 21.41 -5.36
C THR A 705 8.62 22.85 -5.13
N LEU A 706 9.67 23.26 -5.82
CA LEU A 706 10.15 24.64 -5.74
C LEU A 706 9.10 25.62 -6.29
N LEU A 707 8.46 25.26 -7.40
CA LEU A 707 7.46 26.11 -7.97
C LEU A 707 6.32 26.33 -6.98
N SER A 708 5.91 25.26 -6.32
CA SER A 708 4.87 25.35 -5.28
C SER A 708 5.27 26.32 -4.16
N LEU A 709 6.52 26.24 -3.74
CA LEU A 709 7.00 27.10 -2.65
C LEU A 709 7.03 28.55 -3.13
N LEU A 710 7.45 28.79 -4.37
CA LEU A 710 7.57 30.16 -4.86
C LEU A 710 6.19 30.74 -5.12
N SER A 711 5.23 29.91 -5.54
CA SER A 711 3.87 30.40 -5.79
C SER A 711 3.18 30.78 -4.51
N LYS A 712 3.30 29.91 -3.50
CA LYS A 712 2.66 30.22 -2.22
C LYS A 712 3.26 31.52 -1.69
N ALA A 713 4.53 31.71 -1.95
CA ALA A 713 5.22 32.93 -1.49
C ALA A 713 4.93 34.19 -2.35
N GLN A 714 4.22 34.02 -3.46
CA GLN A 714 3.97 35.13 -4.38
C GLN A 714 5.26 35.79 -4.81
N TYR A 715 6.28 34.97 -5.08
CA TYR A 715 7.55 35.44 -5.61
C TYR A 715 7.27 36.32 -6.80
N PRO A 716 8.02 37.44 -6.92
CA PRO A 716 7.72 38.40 -7.99
C PRO A 716 7.61 37.78 -9.37
N ASN A 717 6.51 38.06 -10.06
CA ASN A 717 6.24 37.58 -11.42
C ASN A 717 6.28 36.04 -11.61
N ILE A 718 6.13 35.27 -10.53
CA ILE A 718 6.14 33.81 -10.68
C ILE A 718 4.99 33.28 -11.56
N LEU A 719 3.92 34.07 -11.69
CA LEU A 719 2.78 33.64 -12.49
C LEU A 719 3.21 33.42 -13.91
N ASN A 720 4.18 34.21 -14.37
CA ASN A 720 4.76 33.97 -15.69
C ASN A 720 5.33 32.55 -15.84
N GLU A 721 6.04 32.11 -14.82
CA GLU A 721 6.61 30.76 -14.82
C GLU A 721 5.51 29.74 -14.80
N ILE A 722 4.49 30.00 -14.00
CA ILE A 722 3.34 29.11 -13.92
C ILE A 722 2.66 28.89 -15.28
N ILE A 723 2.38 30.01 -15.97
CA ILE A 723 1.75 29.96 -17.29
C ILE A 723 2.59 29.21 -18.33
N GLU A 724 3.91 29.45 -18.36
CA GLU A 724 4.79 28.66 -19.26
C GLU A 724 4.80 27.19 -18.90
N HIS A 725 4.83 26.89 -17.61
CA HIS A 725 4.76 25.50 -17.13
C HIS A 725 3.51 24.77 -17.62
N SER A 726 2.39 25.49 -17.68
CA SER A 726 1.15 24.87 -18.16
C SER A 726 1.25 24.41 -19.63
N LYS A 727 2.25 24.91 -20.35
CA LYS A 727 2.46 24.51 -21.74
C LYS A 727 3.39 23.31 -21.92
N SER A 728 3.95 22.80 -20.82
CA SER A 728 4.80 21.61 -20.89
C SER A 728 4.04 20.35 -21.39
N PRO A 729 4.70 19.50 -22.19
CA PRO A 729 4.12 18.22 -22.62
C PRO A 729 3.93 17.22 -21.46
N TYR A 730 4.67 17.36 -20.35
CA TYR A 730 4.57 16.42 -19.22
C TYR A 730 3.41 16.73 -18.30
N PRO A 731 2.46 15.78 -18.14
CA PRO A 731 1.33 15.98 -17.22
C PRO A 731 1.73 16.34 -15.78
N SER A 732 2.84 15.81 -15.28
CA SER A 732 3.29 16.20 -13.93
C SER A 732 3.46 17.71 -13.84
N ASN A 733 4.03 18.28 -14.90
CA ASN A 733 4.22 19.73 -15.01
C ASN A 733 2.92 20.49 -15.20
N TRP A 734 2.12 20.12 -16.21
CA TRP A 734 0.97 20.96 -16.46
C TRP A 734 -0.15 20.77 -15.40
N LEU A 735 -0.23 19.62 -14.76
CA LEU A 735 -1.12 19.52 -13.59
C LEU A 735 -0.58 20.30 -12.40
N THR A 736 0.75 20.35 -12.26
CA THR A 736 1.32 21.18 -11.20
C THR A 736 0.94 22.63 -11.43
N SER A 737 0.90 23.05 -12.70
CA SER A 737 0.62 24.45 -12.99
C SER A 737 -0.79 24.81 -12.54
N LEU A 738 -1.71 23.86 -12.70
CA LEU A 738 -3.07 24.05 -12.17
C LEU A 738 -3.04 24.22 -10.63
N SER A 739 -2.44 23.30 -9.88
CA SER A 739 -2.54 23.47 -8.42
C SER A 739 -1.73 24.64 -7.88
N VAL A 740 -0.57 25.00 -8.44
CA VAL A 740 0.12 26.20 -7.92
C VAL A 740 -0.57 27.49 -8.34
N SER A 741 -1.43 27.44 -9.36
CA SER A 741 -2.11 28.64 -9.81
C SER A 741 -3.28 28.96 -8.91
N ALA A 742 -3.55 28.09 -7.93
CA ALA A 742 -4.58 28.35 -6.93
C ALA A 742 -4.44 29.72 -6.28
N TYR A 743 -3.20 30.18 -6.13
CA TYR A 743 -2.94 31.45 -5.46
C TYR A 743 -3.05 32.67 -6.40
N PHE A 744 -3.56 32.46 -7.61
CA PHE A 744 -3.66 33.55 -8.57
C PHE A 744 -5.02 33.59 -9.24
N ASP A 745 -5.29 34.69 -9.94
CA ASP A 745 -6.59 34.89 -10.57
C ASP A 745 -6.76 34.01 -11.82
N LYS A 746 -5.70 33.31 -12.22
CA LYS A 746 -5.75 32.50 -13.42
C LYS A 746 -6.12 31.04 -13.15
N TYR A 747 -6.43 30.71 -11.90
CA TYR A 747 -6.76 29.33 -11.55
C TYR A 747 -7.87 28.74 -12.47
N PHE A 748 -8.98 29.43 -12.65
CA PHE A 748 -10.06 28.83 -13.43
C PHE A 748 -9.75 28.81 -14.92
N GLU A 749 -8.90 29.73 -15.37
CA GLU A 749 -8.39 29.64 -16.74
C GLU A 749 -7.58 28.32 -16.86
N LEU A 750 -6.74 28.03 -15.87
CA LEU A 750 -5.93 26.83 -15.95
C LEU A 750 -6.75 25.57 -15.67
N TYR A 751 -7.78 25.72 -14.83
CA TYR A 751 -8.77 24.67 -14.59
C TYR A 751 -9.38 24.15 -15.90
N ASP A 752 -9.91 25.06 -16.71
CA ASP A 752 -10.53 24.70 -17.99
C ASP A 752 -9.53 24.10 -18.97
N LYS A 753 -8.36 24.72 -19.08
CA LYS A 753 -7.34 24.24 -20.02
C LYS A 753 -6.94 22.81 -19.70
N THR A 754 -6.63 22.56 -18.43
CA THR A 754 -6.14 21.25 -18.04
C THR A 754 -7.27 20.23 -18.06
N TYR A 755 -8.52 20.65 -17.79
CA TYR A 755 -9.66 19.74 -17.98
C TYR A 755 -9.74 19.25 -19.42
N LYS A 756 -9.66 20.20 -20.34
CA LYS A 756 -9.69 19.87 -21.75
C LYS A 756 -8.55 18.94 -22.17
N LEU A 757 -7.35 19.13 -21.61
CA LEU A 757 -6.25 18.17 -21.83
C LEU A 757 -6.51 16.78 -21.23
N SER A 758 -7.33 16.71 -20.18
CA SER A 758 -7.50 15.48 -19.41
C SER A 758 -8.71 14.64 -19.76
N LYS A 759 -9.74 15.28 -20.29
CA LYS A 759 -11.07 14.67 -20.28
C LYS A 759 -11.22 13.41 -21.13
N ASP A 760 -10.37 13.24 -22.13
CA ASP A 760 -10.56 12.10 -23.05
C ASP A 760 -9.71 10.88 -22.72
N ASP A 761 -9.04 10.89 -21.57
CA ASP A 761 -8.31 9.73 -21.10
C ASP A 761 -8.80 9.46 -19.69
N GLU A 762 -9.34 8.28 -19.47
CA GLU A 762 -10.02 7.97 -18.20
C GLU A 762 -9.12 8.19 -17.00
N LEU A 763 -7.87 7.78 -17.14
CA LEU A 763 -6.97 7.83 -15.97
C LEU A 763 -6.42 9.23 -15.75
N LEU A 764 -6.13 9.92 -16.84
CA LEU A 764 -5.66 11.29 -16.74
C LEU A 764 -6.74 12.19 -16.13
N LEU A 765 -7.99 12.02 -16.55
CA LEU A 765 -9.09 12.76 -15.93
C LEU A 765 -9.14 12.53 -14.41
N GLN A 766 -8.89 11.30 -13.98
CA GLN A 766 -8.83 11.02 -12.54
C GLN A 766 -7.66 11.76 -11.89
N GLU A 767 -6.54 11.88 -12.59
CA GLU A 767 -5.43 12.67 -12.02
C GLU A 767 -5.78 14.15 -11.94
N TRP A 768 -6.54 14.61 -12.92
CA TRP A 768 -7.03 15.99 -12.91
C TRP A 768 -7.95 16.21 -11.73
N LEU A 769 -8.90 15.29 -11.56
CA LEU A 769 -9.77 15.32 -10.36
C LEU A 769 -8.96 15.44 -9.05
N LYS A 770 -7.94 14.62 -8.89
CA LYS A 770 -7.11 14.72 -7.67
C LYS A 770 -6.46 16.09 -7.54
N THR A 771 -5.97 16.60 -8.67
CA THR A 771 -5.28 17.91 -8.63
C THR A 771 -6.23 19.02 -8.18
N VAL A 772 -7.45 18.97 -8.70
CA VAL A 772 -8.47 19.94 -8.31
C VAL A 772 -8.78 19.75 -6.81
N SER A 773 -9.06 18.51 -6.43
CA SER A 773 -9.41 18.14 -5.04
C SER A 773 -8.38 18.64 -4.04
N ARG A 774 -7.10 18.57 -4.41
CA ARG A 774 -6.04 18.97 -3.49
C ARG A 774 -5.65 20.45 -3.62
N SER A 775 -6.31 21.18 -4.53
CA SER A 775 -6.00 22.62 -4.76
C SER A 775 -6.19 23.48 -3.51
N ASP A 776 -5.21 24.33 -3.23
CA ASP A 776 -5.29 25.18 -2.04
C ASP A 776 -6.14 26.42 -2.30
N ARG A 777 -7.45 26.17 -2.33
CA ARG A 777 -8.46 27.15 -2.70
C ARG A 777 -9.42 27.50 -1.56
N LYS A 778 -9.69 28.79 -1.37
CA LYS A 778 -10.63 29.19 -0.33
C LYS A 778 -12.06 28.77 -0.69
N ASP A 779 -12.34 28.65 -1.99
CA ASP A 779 -13.66 28.23 -2.49
C ASP A 779 -13.70 26.71 -2.83
N ILE A 780 -12.87 25.93 -2.15
CA ILE A 780 -12.77 24.50 -2.44
C ILE A 780 -14.09 23.73 -2.26
N TYR A 781 -14.95 24.15 -1.33
CA TYR A 781 -16.26 23.50 -1.19
C TYR A 781 -17.16 23.73 -2.41
N GLU A 782 -17.15 24.95 -2.91
CA GLU A 782 -17.93 25.30 -4.11
C GLU A 782 -17.36 24.51 -5.32
N ILE A 783 -16.03 24.40 -5.36
CA ILE A 783 -15.34 23.66 -6.41
C ILE A 783 -15.69 22.18 -6.35
N LEU A 784 -15.70 21.58 -5.15
CA LEU A 784 -16.09 20.19 -5.02
C LEU A 784 -17.53 19.97 -5.49
N LYS A 785 -18.40 20.94 -5.21
CA LYS A 785 -19.78 20.82 -5.62
C LYS A 785 -19.87 20.82 -7.16
N LYS A 786 -19.02 21.63 -7.77
CA LYS A 786 -18.96 21.69 -9.23
C LYS A 786 -18.47 20.34 -9.83
N LEU A 787 -17.44 19.75 -9.23
CA LEU A 787 -16.94 18.44 -9.71
C LEU A 787 -18.04 17.39 -9.64
N GLU A 788 -18.83 17.44 -8.57
CA GLU A 788 -19.89 16.46 -8.34
C GLU A 788 -20.94 16.59 -9.44
N ASN A 789 -21.39 17.81 -9.67
CA ASN A 789 -22.46 18.04 -10.64
C ASN A 789 -21.96 17.88 -12.06
N GLU A 790 -20.74 18.31 -12.35
CA GLU A 790 -20.27 18.37 -13.73
C GLU A 790 -19.43 17.19 -14.24
N VAL A 791 -18.70 16.50 -13.34
CA VAL A 791 -17.78 15.45 -13.77
C VAL A 791 -18.05 14.11 -13.10
N LEU A 792 -18.12 14.11 -11.77
CA LEU A 792 -18.29 12.85 -11.01
C LEU A 792 -19.69 12.26 -11.17
N LYS A 793 -20.71 13.06 -10.92
CA LYS A 793 -22.11 12.61 -10.98
C LYS A 793 -22.32 11.34 -10.14
N ASP A 794 -23.06 10.36 -10.66
CA ASP A 794 -23.32 9.19 -9.82
C ASP A 794 -22.41 8.02 -10.21
N SER A 795 -21.19 8.31 -10.69
CA SER A 795 -20.23 7.24 -10.96
C SER A 795 -20.03 6.34 -9.75
N LYS A 796 -19.95 5.04 -10.01
CA LYS A 796 -19.65 4.08 -8.95
C LYS A 796 -18.24 3.58 -9.11
N ASN A 797 -17.46 4.21 -9.98
CA ASN A 797 -16.07 3.81 -10.18
C ASN A 797 -15.26 4.27 -8.99
N PRO A 798 -14.63 3.33 -8.26
CA PRO A 798 -13.88 3.76 -7.06
C PRO A 798 -12.77 4.73 -7.36
N ASN A 799 -12.09 4.59 -8.49
CA ASN A 799 -11.07 5.57 -8.84
C ASN A 799 -11.64 6.99 -8.92
N ASP A 800 -12.87 7.12 -9.41
CA ASP A 800 -13.48 8.44 -9.57
C ASP A 800 -13.80 9.05 -8.19
N ILE A 801 -14.44 8.24 -7.37
CA ILE A 801 -14.88 8.69 -6.04
C ILE A 801 -13.65 9.04 -5.15
N ARG A 802 -12.68 8.14 -5.10
CA ARG A 802 -11.45 8.43 -4.34
C ARG A 802 -10.68 9.66 -4.87
N ALA A 803 -10.70 9.88 -6.19
CA ALA A 803 -9.95 11.02 -6.78
C ALA A 803 -10.58 12.34 -6.34
N VAL A 804 -11.90 12.38 -6.30
CA VAL A 804 -12.61 13.62 -5.97
C VAL A 804 -12.47 13.98 -4.49
N TYR A 805 -12.50 13.00 -3.60
CA TYR A 805 -12.64 13.28 -2.15
C TYR A 805 -11.38 13.11 -1.27
N LEU A 806 -10.58 12.08 -1.53
CA LEU A 806 -9.46 11.84 -0.63
C LEU A 806 -8.40 12.96 -0.59
N PRO A 807 -8.00 13.50 -1.77
CA PRO A 807 -6.97 14.57 -1.65
C PRO A 807 -7.48 15.77 -0.84
N PHE A 808 -8.72 16.17 -1.08
CA PHE A 808 -9.33 17.23 -0.27
C PHE A 808 -9.20 16.98 1.23
N THR A 809 -9.25 15.72 1.67
CA THR A 809 -9.28 15.47 3.11
C THR A 809 -7.91 15.76 3.72
N ASN A 810 -6.90 15.94 2.89
CA ASN A 810 -5.58 16.33 3.39
C ASN A 810 -5.42 17.84 3.43
N ASN A 811 -6.48 18.56 3.11
CA ASN A 811 -6.45 20.01 3.21
C ASN A 811 -6.63 20.43 4.68
N LEU A 812 -5.52 20.76 5.33
CA LEU A 812 -5.50 20.97 6.78
C LEU A 812 -6.45 22.07 7.25
N ARG A 813 -6.41 23.24 6.61
CA ARG A 813 -7.32 24.30 6.96
C ARG A 813 -8.76 24.08 6.61
N ARG A 814 -9.02 23.46 5.45
CA ARG A 814 -10.38 23.45 4.94
C ARG A 814 -11.17 22.19 5.30
N PHE A 815 -10.54 21.03 5.15
CA PHE A 815 -11.25 19.81 5.52
C PHE A 815 -11.62 19.86 6.98
N HIS A 816 -10.75 20.48 7.80
CA HIS A 816 -10.99 20.53 9.23
C HIS A 816 -11.62 21.84 9.66
N ASP A 817 -12.38 22.43 8.76
CA ASP A 817 -13.16 23.64 9.06
C ASP A 817 -13.94 23.44 10.36
N ILE A 818 -13.86 24.43 11.25
CA ILE A 818 -14.40 24.26 12.60
C ILE A 818 -15.91 24.09 12.63
N SER A 819 -16.60 24.43 11.54
CA SER A 819 -18.05 24.18 11.45
C SER A 819 -18.38 22.69 11.41
N GLY A 820 -17.37 21.90 11.08
CA GLY A 820 -17.55 20.49 10.80
C GLY A 820 -18.10 20.15 9.42
N LYS A 821 -18.21 21.15 8.53
CA LYS A 821 -18.81 20.93 7.19
C LYS A 821 -18.03 19.89 6.33
N GLY A 822 -16.72 19.81 6.50
CA GLY A 822 -15.92 18.83 5.78
C GLY A 822 -16.15 17.40 6.27
N TYR A 823 -16.23 17.23 7.59
CA TYR A 823 -16.55 15.95 8.17
C TYR A 823 -17.94 15.48 7.70
N LYS A 824 -18.88 16.42 7.66
CA LYS A 824 -20.24 16.13 7.21
C LYS A 824 -20.25 15.68 5.75
N LEU A 825 -19.46 16.37 4.93
CA LEU A 825 -19.41 16.05 3.52
C LEU A 825 -18.83 14.64 3.30
N ILE A 826 -17.73 14.31 3.97
CA ILE A 826 -17.13 12.99 3.71
C ILE A 826 -18.02 11.86 4.28
N ALA A 827 -18.64 12.08 5.44
CA ALA A 827 -19.60 11.07 5.95
C ALA A 827 -20.76 10.85 4.98
N GLU A 828 -21.29 11.92 4.37
CA GLU A 828 -22.36 11.69 3.39
C GLU A 828 -21.85 10.82 2.23
N VAL A 829 -20.62 11.06 1.80
CA VAL A 829 -20.06 10.30 0.69
C VAL A 829 -19.83 8.86 1.11
N ILE A 830 -19.36 8.66 2.35
CA ILE A 830 -19.17 7.31 2.86
C ILE A 830 -20.48 6.54 2.91
N THR A 831 -21.50 7.16 3.50
CA THR A 831 -22.81 6.50 3.58
C THR A 831 -23.39 6.21 2.20
N LYS A 832 -23.25 7.14 1.26
CA LYS A 832 -23.73 6.92 -0.11
C LYS A 832 -22.99 5.72 -0.75
N THR A 833 -21.67 5.67 -0.56
CA THR A 833 -20.84 4.67 -1.23
C THR A 833 -21.09 3.30 -0.62
N ASP A 834 -21.39 3.29 0.68
CA ASP A 834 -21.62 2.04 1.42
C ASP A 834 -22.84 1.25 0.90
N LYS A 835 -23.76 1.93 0.23
CA LYS A 835 -24.91 1.26 -0.37
C LYS A 835 -24.49 0.27 -1.46
N PHE A 836 -23.38 0.53 -2.14
CA PHE A 836 -23.01 -0.35 -3.26
C PHE A 836 -21.58 -0.90 -3.18
N ASN A 837 -20.69 -0.26 -2.41
CA ASN A 837 -19.35 -0.82 -2.26
C ASN A 837 -18.80 -0.58 -0.86
N PRO A 838 -19.07 -1.51 0.07
CA PRO A 838 -18.64 -1.35 1.47
C PRO A 838 -17.14 -1.26 1.69
N MET A 839 -16.38 -1.97 0.86
CA MET A 839 -14.94 -1.94 1.01
C MET A 839 -14.42 -0.54 0.72
N VAL A 840 -14.90 0.07 -0.37
CA VAL A 840 -14.44 1.42 -0.68
C VAL A 840 -15.03 2.43 0.33
N ALA A 841 -16.26 2.20 0.81
CA ALA A 841 -16.81 3.12 1.84
C ALA A 841 -15.86 3.17 3.05
N THR A 842 -15.30 2.02 3.40
CA THR A 842 -14.40 1.98 4.55
C THR A 842 -13.07 2.68 4.25
N GLN A 843 -12.58 2.56 3.01
CA GLN A 843 -11.40 3.32 2.60
C GLN A 843 -11.64 4.84 2.74
N LEU A 844 -12.86 5.26 2.45
CA LEU A 844 -13.19 6.69 2.47
C LEU A 844 -13.28 7.21 3.94
N CYS A 845 -13.28 6.30 4.90
CA CYS A 845 -13.23 6.67 6.34
C CYS A 845 -11.85 7.15 6.80
N GLU A 846 -10.83 6.99 5.97
CA GLU A 846 -9.45 7.22 6.39
C GLU A 846 -9.22 8.53 7.18
N PRO A 847 -9.82 9.68 6.75
CA PRO A 847 -9.58 10.90 7.54
C PRO A 847 -10.02 10.81 9.01
N PHE A 848 -11.04 10.00 9.30
CA PHE A 848 -11.52 9.87 10.65
C PHE A 848 -10.55 9.07 11.55
N LYS A 849 -9.53 8.40 10.96
CA LYS A 849 -8.66 7.57 11.79
C LYS A 849 -7.95 8.30 12.93
N LEU A 850 -7.73 9.61 12.75
CA LEU A 850 -7.03 10.39 13.77
C LEU A 850 -7.98 11.17 14.68
N TRP A 851 -9.26 10.83 14.67
CA TRP A 851 -10.25 11.70 15.29
C TRP A 851 -9.95 12.02 16.77
N ASN A 852 -9.44 11.05 17.53
CA ASN A 852 -9.27 11.27 18.96
C ASN A 852 -7.91 11.92 19.26
N LYS A 853 -7.18 12.29 18.21
CA LYS A 853 -5.92 13.04 18.33
C LYS A 853 -6.08 14.53 18.17
N LEU A 854 -7.28 14.98 17.83
CA LEU A 854 -7.48 16.38 17.50
C LEU A 854 -7.91 17.18 18.74
N ASP A 855 -8.04 18.50 18.59
CA ASP A 855 -8.58 19.34 19.67
C ASP A 855 -10.00 18.88 20.01
N THR A 856 -10.45 19.22 21.21
CA THR A 856 -11.69 18.63 21.72
C THR A 856 -12.92 19.02 20.91
N LYS A 857 -12.96 20.22 20.34
CA LYS A 857 -14.10 20.59 19.49
C LYS A 857 -14.16 19.69 18.24
N ARG A 858 -13.01 19.48 17.62
CA ARG A 858 -13.02 18.66 16.42
C ARG A 858 -13.24 17.18 16.72
N GLN A 859 -12.74 16.70 17.87
CA GLN A 859 -13.03 15.31 18.27
C GLN A 859 -14.53 15.12 18.31
N GLU A 860 -15.21 16.04 18.98
CA GLU A 860 -16.67 16.00 19.07
C GLU A 860 -17.35 16.03 17.68
N LEU A 861 -16.88 16.87 16.78
CA LEU A 861 -17.51 16.98 15.45
C LEU A 861 -17.34 15.68 14.66
N MET A 862 -16.13 15.14 14.69
CA MET A 862 -15.87 13.88 14.00
C MET A 862 -16.69 12.75 14.59
N LEU A 863 -16.73 12.71 15.92
CA LEU A 863 -17.44 11.62 16.62
C LEU A 863 -18.91 11.69 16.30
N ASN A 864 -19.47 12.90 16.24
CA ASN A 864 -20.87 13.05 15.84
CA ASN A 864 -20.86 13.06 15.85
C ASN A 864 -21.15 12.42 14.47
N GLU A 865 -20.29 12.69 13.49
CA GLU A 865 -20.53 12.16 12.14
C GLU A 865 -20.37 10.64 12.10
N MET A 866 -19.39 10.12 12.85
CA MET A 866 -19.23 8.68 12.89
C MET A 866 -20.45 8.02 13.54
N ASN A 867 -21.00 8.63 14.59
CA ASN A 867 -22.18 8.05 15.24
C ASN A 867 -23.38 8.18 14.30
N THR A 868 -23.43 9.27 13.54
CA THR A 868 -24.50 9.42 12.55
C THR A 868 -24.40 8.27 11.52
N MET A 869 -23.21 7.99 11.01
CA MET A 869 -23.01 6.87 10.06
C MET A 869 -23.39 5.51 10.67
N LEU A 870 -23.03 5.32 11.93
CA LEU A 870 -23.31 4.07 12.63
C LEU A 870 -24.81 3.87 12.82
N GLN A 871 -25.58 4.95 12.77
CA GLN A 871 -27.03 4.81 13.01
C GLN A 871 -27.82 4.58 11.71
N GLU A 872 -27.14 4.60 10.56
CA GLU A 872 -27.85 4.31 9.30
C GLU A 872 -28.39 2.88 9.32
N PRO A 873 -29.72 2.69 9.14
CA PRO A 873 -30.26 1.34 9.20
C PRO A 873 -29.62 0.36 8.23
N GLN A 874 -29.24 0.83 7.05
CA GLN A 874 -28.75 -0.09 6.03
C GLN A 874 -27.22 -0.21 6.01
N ILE A 875 -26.55 0.21 7.08
CA ILE A 875 -25.07 0.14 7.10
C ILE A 875 -24.53 -1.28 6.87
N SER A 876 -23.47 -1.39 6.08
CA SER A 876 -22.85 -2.68 5.77
C SER A 876 -22.15 -3.25 7.01
N ASN A 877 -21.91 -4.56 6.97
CA ASN A 877 -21.09 -5.19 8.01
C ASN A 877 -19.68 -4.59 8.10
N ASN A 878 -19.04 -4.38 6.95
CA ASN A 878 -17.72 -3.73 6.85
C ASN A 878 -17.64 -2.42 7.58
N LEU A 879 -18.54 -1.53 7.21
CA LEU A 879 -18.50 -0.18 7.72
C LEU A 879 -18.87 -0.14 9.21
N LYS A 880 -19.85 -0.96 9.57
CA LYS A 880 -20.26 -1.01 10.99
C LYS A 880 -19.09 -1.48 11.87
N GLU A 881 -18.45 -2.56 11.48
CA GLU A 881 -17.37 -3.14 12.25
C GLU A 881 -16.21 -2.15 12.38
N TYR A 882 -15.92 -1.48 11.28
CA TYR A 882 -14.82 -0.53 11.25
C TYR A 882 -15.06 0.65 12.16
N LEU A 883 -16.24 1.27 12.05
CA LEU A 883 -16.56 2.44 12.87
C LEU A 883 -16.75 2.08 14.33
N LEU A 884 -17.26 0.88 14.58
CA LEU A 884 -17.37 0.44 15.98
C LEU A 884 -15.98 0.36 16.62
N ARG A 885 -15.02 -0.25 15.93
CA ARG A 885 -13.65 -0.33 16.47
C ARG A 885 -13.01 1.05 16.57
N LEU A 886 -13.20 1.88 15.54
CA LEU A 886 -12.58 3.21 15.51
C LEU A 886 -13.09 4.11 16.65
N THR A 887 -14.38 4.01 16.96
CA THR A 887 -14.93 4.83 18.04
C THR A 887 -14.93 4.12 19.39
N ASN A 888 -14.14 3.06 19.52
CA ASN A 888 -14.05 2.39 20.82
C ASN A 888 -15.39 2.06 21.43
N LYS A 889 -16.34 1.60 20.62
CA LYS A 889 -17.66 1.25 21.15
C LYS A 889 -17.70 -0.25 21.41
#